data_4BWP
#
_entry.id   4BWP
#
_cell.length_a   102.171
_cell.length_b   102.171
_cell.length_c   264.715
_cell.angle_alpha   90.00
_cell.angle_beta   90.00
_cell.angle_gamma   90.00
#
_symmetry.space_group_name_H-M   'P 43 2 2'
#
loop_
_entity.id
_entity.type
_entity.pdbx_description
1 polymer 'PAB-DEPENDENT POLY(A)-SPECIFIC RIBONUCLEASE SUBUNIT PAN-3'
2 non-polymer 'AMP PHOSPHORAMIDATE'
#
_entity_poly.entity_id   1
_entity_poly.type   'polypeptide(L)'
_entity_poly.pdbx_seq_one_letter_code
;GPHMLEMPDEMRAEVLARNEISNLIMDAAEAAQHALPLEVENYHALYPLEPPAQPLHAKLTFPATTYRATHNTTGYKYCL
RRIHGFRLQSTKCMTLVEMWKKLQHTNVVQLREVFTTKAFGDNSLVLVYDYHPGSQTLLAKYFTPAPETNGYTDPFQGEA
RPFSHKSNMQRTSNGPLLPEATIWSIIMQLTAGLKAIHHAGLACKVLDPTKIIVTGKRVRFSSCCISDITQFDPNASNPL
ALVNMHQQDDLTALGRLVLALACRCLQSVQRDNVQSSIDMVTRNYSTDLRNFIVYLFTTNNRRSVTDLMPMIGARFYTQL
DALQSKIDMQEDELAKEMENGRLYRILVKLNSINERPDFNLDCTWSETGDRYMLKLFRDYLFHSVTEDGRPWLDHAHIVQ
CLNKLDAGSIERVQLMSRDEQSVLIVSYAELKNCLENAFSELMSSAAN
;
_entity_poly.pdbx_strand_id   A,B
#
# COMPACT_ATOMS: atom_id res chain seq x y z
N PRO A 37 -27.47 -4.65 -28.83
CA PRO A 37 -27.75 -4.60 -27.39
C PRO A 37 -26.81 -3.63 -26.68
N LEU A 38 -27.04 -2.33 -26.87
CA LEU A 38 -26.20 -1.30 -26.24
C LEU A 38 -26.78 -0.63 -24.99
N GLU A 39 -28.05 -0.89 -24.72
CA GLU A 39 -28.70 -0.39 -23.50
C GLU A 39 -29.21 -1.54 -22.63
N VAL A 40 -29.08 -1.39 -21.31
CA VAL A 40 -29.52 -2.43 -20.35
C VAL A 40 -30.48 -1.83 -19.33
N GLU A 41 -30.69 -2.52 -18.21
CA GLU A 41 -31.65 -2.02 -17.24
C GLU A 41 -31.21 -0.72 -16.56
N ASN A 42 -30.00 -0.76 -15.96
CA ASN A 42 -29.20 0.39 -15.31
C ASN A 42 -27.83 0.77 -15.98
N TYR A 43 -27.70 0.31 -17.23
CA TYR A 43 -26.41 -0.06 -17.87
C TYR A 43 -26.22 0.26 -19.42
N HIS A 44 -25.01 0.69 -19.81
CA HIS A 44 -24.64 1.05 -21.20
C HIS A 44 -23.16 0.84 -21.42
N ALA A 45 -22.76 0.77 -22.69
CA ALA A 45 -21.36 0.65 -23.11
C ALA A 45 -20.75 -0.65 -22.63
N LEU A 46 -21.56 -1.72 -22.64
CA LEU A 46 -21.09 -3.03 -22.19
C LEU A 46 -20.00 -3.54 -23.10
N TYR A 47 -18.98 -4.14 -22.49
CA TYR A 47 -17.81 -4.56 -23.21
C TYR A 47 -17.56 -6.02 -22.90
N PRO A 48 -17.06 -6.76 -23.87
CA PRO A 48 -16.93 -8.21 -23.70
C PRO A 48 -15.59 -8.63 -23.12
N LEU A 49 -15.63 -9.35 -22.02
CA LEU A 49 -14.40 -9.77 -21.37
C LEU A 49 -13.79 -10.96 -22.09
N GLU A 50 -12.47 -10.96 -22.21
CA GLU A 50 -11.79 -12.14 -22.74
C GLU A 50 -10.72 -12.73 -21.80
N PRO A 51 -10.54 -14.07 -21.84
CA PRO A 51 -11.23 -15.00 -22.76
C PRO A 51 -12.71 -15.19 -22.46
N PRO A 52 -13.50 -15.64 -23.46
CA PRO A 52 -14.95 -15.62 -23.31
C PRO A 52 -15.41 -16.47 -22.15
N ALA A 53 -16.44 -16.03 -21.47
CA ALA A 53 -17.08 -16.86 -20.46
C ALA A 53 -17.35 -18.28 -20.98
N GLN A 54 -17.06 -19.25 -20.14
CA GLN A 54 -17.34 -20.65 -20.40
C GLN A 54 -18.86 -20.89 -20.29
N PRO A 55 -19.41 -21.85 -21.05
CA PRO A 55 -20.82 -22.17 -20.90
C PRO A 55 -21.12 -22.67 -19.49
N LEU A 56 -22.36 -22.49 -19.05
CA LEU A 56 -22.82 -22.96 -17.74
C LEU A 56 -23.70 -24.20 -17.79
N HIS A 57 -23.28 -25.25 -17.11
CA HIS A 57 -24.01 -26.52 -17.08
C HIS A 57 -24.96 -26.57 -15.93
N ALA A 58 -26.25 -26.47 -16.22
CA ALA A 58 -27.25 -26.67 -15.19
C ALA A 58 -27.86 -28.05 -15.38
N LYS A 59 -28.48 -28.23 -16.55
CA LYS A 59 -28.93 -29.54 -17.05
C LYS A 59 -28.54 -29.63 -18.50
N LEU A 60 -29.00 -28.62 -19.23
CA LEU A 60 -28.60 -28.40 -20.57
C LEU A 60 -27.75 -27.11 -20.50
N THR A 61 -26.56 -27.16 -21.10
CA THR A 61 -25.68 -26.00 -21.10
C THR A 61 -26.39 -24.72 -21.63
N PHE A 62 -26.27 -23.64 -20.87
CA PHE A 62 -26.76 -22.34 -21.27
C PHE A 62 -25.58 -21.44 -21.60
N PRO A 63 -25.40 -21.07 -22.88
CA PRO A 63 -24.26 -20.22 -23.27
C PRO A 63 -24.23 -18.97 -22.41
N ALA A 64 -23.03 -18.55 -22.02
CA ALA A 64 -22.92 -17.37 -21.19
C ALA A 64 -21.77 -16.47 -21.63
N THR A 65 -21.94 -15.17 -21.43
CA THR A 65 -20.90 -14.16 -21.70
C THR A 65 -20.81 -13.18 -20.50
N THR A 66 -19.61 -12.75 -20.16
CA THR A 66 -19.51 -11.79 -19.05
C THR A 66 -19.03 -10.44 -19.56
N TYR A 67 -19.53 -9.37 -18.97
CA TYR A 67 -19.40 -8.06 -19.58
C TYR A 67 -18.91 -7.00 -18.62
N ARG A 68 -18.16 -6.05 -19.16
CA ARG A 68 -17.76 -4.90 -18.38
C ARG A 68 -18.82 -3.84 -18.64
N ALA A 69 -19.50 -3.40 -17.60
CA ALA A 69 -20.56 -2.42 -17.77
C ALA A 69 -20.36 -1.10 -17.01
N THR A 70 -20.84 0.00 -17.56
CA THR A 70 -20.82 1.28 -16.86
C THR A 70 -22.20 1.67 -16.39
N HIS A 71 -22.34 1.87 -15.09
CA HIS A 71 -23.60 2.32 -14.50
C HIS A 71 -23.98 3.66 -15.02
N ASN A 72 -25.24 3.84 -15.39
CA ASN A 72 -25.67 5.14 -15.93
C ASN A 72 -25.70 6.35 -14.97
N THR A 73 -26.30 6.17 -13.80
CA THR A 73 -26.42 7.25 -12.81
C THR A 73 -25.09 7.58 -12.15
N THR A 74 -24.34 6.53 -11.83
CA THR A 74 -23.07 6.57 -11.10
C THR A 74 -21.87 6.75 -12.02
N GLY A 75 -21.94 6.09 -13.17
CA GLY A 75 -20.86 6.02 -14.15
C GLY A 75 -19.76 5.07 -13.71
N TYR A 76 -19.94 4.52 -12.51
CA TYR A 76 -19.07 3.48 -11.97
C TYR A 76 -19.11 2.27 -12.87
N LYS A 77 -17.99 1.58 -12.93
CA LYS A 77 -17.81 0.48 -13.84
C LYS A 77 -18.04 -0.82 -13.07
N TYR A 78 -18.99 -1.65 -13.51
CA TYR A 78 -19.24 -2.97 -12.91
C TYR A 78 -19.05 -4.10 -13.90
N CYS A 79 -19.06 -5.32 -13.35
CA CYS A 79 -18.99 -6.56 -14.14
C CYS A 79 -20.30 -7.29 -14.03
N LEU A 80 -20.87 -7.66 -15.17
CA LEU A 80 -22.13 -8.36 -15.18
C LEU A 80 -22.04 -9.63 -16.01
N ARG A 81 -22.71 -10.69 -15.55
CA ARG A 81 -22.71 -11.99 -16.23
C ARG A 81 -24.08 -12.23 -16.81
N ARG A 82 -24.15 -12.57 -18.10
CA ARG A 82 -25.40 -13.01 -18.72
C ARG A 82 -25.39 -14.49 -19.04
N ILE A 83 -26.33 -15.22 -18.47
CA ILE A 83 -26.51 -16.62 -18.83
C ILE A 83 -27.74 -16.69 -19.76
N HIS A 84 -27.56 -17.27 -20.94
CA HIS A 84 -28.61 -17.22 -21.98
C HIS A 84 -29.81 -18.10 -21.76
N GLY A 85 -30.97 -17.62 -22.24
CA GLY A 85 -32.23 -18.37 -22.23
C GLY A 85 -32.73 -18.82 -20.86
N PHE A 86 -32.94 -17.86 -19.97
CA PHE A 86 -33.38 -18.18 -18.60
C PHE A 86 -34.57 -17.40 -18.04
N ARG A 87 -35.37 -18.12 -17.23
CA ARG A 87 -36.41 -17.50 -16.42
C ARG A 87 -36.37 -18.02 -14.98
N LEU A 88 -36.19 -17.11 -14.03
CA LEU A 88 -36.37 -17.41 -12.61
C LEU A 88 -37.80 -17.89 -12.38
N GLN A 89 -37.96 -18.93 -11.57
CA GLN A 89 -39.29 -19.40 -11.16
C GLN A 89 -39.96 -18.53 -10.07
N SER A 90 -39.20 -18.11 -9.06
CA SER A 90 -39.83 -17.59 -7.84
C SER A 90 -39.03 -16.58 -7.00
N THR A 91 -39.74 -15.87 -6.12
CA THR A 91 -39.14 -14.93 -5.19
C THR A 91 -38.23 -15.69 -4.22
N LYS A 92 -38.48 -16.99 -4.09
CA LYS A 92 -37.74 -17.82 -3.15
C LYS A 92 -36.22 -17.77 -3.37
N CYS A 93 -35.80 -17.85 -4.62
CA CYS A 93 -34.39 -17.72 -4.89
C CYS A 93 -33.92 -16.29 -4.55
N MET A 94 -34.77 -15.29 -4.83
CA MET A 94 -34.47 -13.86 -4.52
C MET A 94 -34.12 -13.66 -3.05
N THR A 95 -34.91 -14.27 -2.17
CA THR A 95 -34.66 -14.20 -0.73
C THR A 95 -33.25 -14.71 -0.39
N LEU A 96 -32.82 -15.73 -1.12
CA LEU A 96 -31.46 -16.24 -1.07
C LEU A 96 -30.44 -15.25 -1.63
N VAL A 97 -30.74 -14.61 -2.76
CA VAL A 97 -29.82 -13.60 -3.33
C VAL A 97 -29.60 -12.44 -2.36
N GLU A 98 -30.58 -12.19 -1.51
CA GLU A 98 -30.46 -11.12 -0.52
C GLU A 98 -29.27 -11.34 0.42
N MET A 99 -29.07 -12.58 0.83
CA MET A 99 -27.97 -12.94 1.72
C MET A 99 -26.60 -12.71 1.10
N TRP A 100 -26.45 -13.03 -0.18
CA TRP A 100 -25.21 -12.77 -0.90
C TRP A 100 -24.93 -11.31 -0.92
N LYS A 101 -25.99 -10.53 -1.09
CA LYS A 101 -25.87 -9.09 -1.13
C LYS A 101 -25.41 -8.57 0.23
N LYS A 102 -25.96 -9.15 1.31
CA LYS A 102 -25.59 -8.78 2.68
C LYS A 102 -24.10 -9.00 2.94
N LEU A 103 -23.59 -10.11 2.42
CA LEU A 103 -22.19 -10.50 2.64
C LEU A 103 -21.21 -9.59 1.89
N GLN A 104 -20.08 -9.33 2.50
CA GLN A 104 -19.13 -8.39 1.96
C GLN A 104 -17.80 -8.77 2.51
N HIS A 105 -16.99 -9.49 1.75
CA HIS A 105 -15.63 -9.83 2.20
C HIS A 105 -14.61 -9.48 1.17
N THR A 106 -13.38 -9.27 1.61
CA THR A 106 -12.31 -8.81 0.73
C THR A 106 -11.93 -9.89 -0.28
N ASN A 107 -11.95 -11.14 0.14
CA ASN A 107 -11.59 -12.19 -0.78
C ASN A 107 -12.73 -12.73 -1.59
N VAL A 108 -13.85 -12.03 -1.59
CA VAL A 108 -14.92 -12.39 -2.52
C VAL A 108 -15.40 -11.16 -3.34
N VAL A 109 -15.52 -11.39 -4.65
CA VAL A 109 -16.06 -10.42 -5.56
C VAL A 109 -17.49 -10.17 -5.12
N GLN A 110 -17.81 -8.91 -4.83
CA GLN A 110 -19.12 -8.52 -4.33
C GLN A 110 -20.32 -8.72 -5.30
N LEU A 111 -21.46 -9.15 -4.80
CA LEU A 111 -22.66 -9.22 -5.64
C LEU A 111 -23.48 -7.98 -5.37
N ARG A 112 -23.77 -7.21 -6.42
CA ARG A 112 -24.54 -5.96 -6.28
C ARG A 112 -26.04 -6.08 -6.57
N GLU A 113 -26.41 -6.55 -7.77
CA GLU A 113 -27.80 -6.90 -8.02
C GLU A 113 -28.00 -8.00 -9.01
N VAL A 114 -29.17 -8.59 -8.96
CA VAL A 114 -29.50 -9.63 -9.92
C VAL A 114 -30.86 -9.30 -10.50
N PHE A 115 -30.93 -9.27 -11.82
CA PHE A 115 -32.17 -9.00 -12.51
C PHE A 115 -32.32 -9.84 -13.77
N THR A 116 -33.57 -10.12 -14.11
CA THR A 116 -33.91 -10.85 -15.29
C THR A 116 -34.45 -9.85 -16.31
N THR A 117 -33.89 -9.90 -17.52
CA THR A 117 -34.25 -8.95 -18.58
C THR A 117 -34.31 -9.62 -19.95
N LYS A 118 -35.14 -9.07 -20.82
CA LYS A 118 -35.29 -9.53 -22.20
C LYS A 118 -34.57 -8.65 -23.24
N ALA A 119 -33.72 -7.73 -22.79
CA ALA A 119 -33.09 -6.74 -23.70
C ALA A 119 -32.11 -7.27 -24.77
N PHE A 120 -31.20 -8.17 -24.36
CA PHE A 120 -30.10 -8.72 -25.18
C PHE A 120 -30.67 -9.45 -26.37
N GLY A 121 -31.98 -9.63 -26.38
CA GLY A 121 -32.69 -10.28 -27.50
C GLY A 121 -33.28 -11.67 -27.27
N ASP A 122 -33.38 -12.07 -26.01
CA ASP A 122 -33.87 -13.40 -25.63
C ASP A 122 -34.19 -13.34 -24.12
N ASN A 123 -34.45 -14.44 -23.44
CA ASN A 123 -34.54 -14.31 -21.99
C ASN A 123 -33.19 -14.55 -21.31
N SER A 124 -32.72 -13.56 -20.57
CA SER A 124 -31.48 -13.77 -19.85
C SER A 124 -31.56 -13.23 -18.46
N LEU A 125 -30.79 -13.87 -17.59
CA LEU A 125 -30.64 -13.46 -16.22
C LEU A 125 -29.23 -12.94 -16.07
N VAL A 126 -29.13 -11.72 -15.54
CA VAL A 126 -27.88 -11.02 -15.47
C VAL A 126 -27.50 -10.76 -14.03
N LEU A 127 -26.26 -11.10 -13.68
CA LEU A 127 -25.75 -10.83 -12.34
C LEU A 127 -24.68 -9.76 -12.40
N VAL A 128 -24.80 -8.77 -11.54
CA VAL A 128 -23.87 -7.65 -11.48
C VAL A 128 -22.92 -7.81 -10.30
N TYR A 129 -21.63 -7.76 -10.60
CA TYR A 129 -20.58 -7.82 -9.60
C TYR A 129 -19.71 -6.60 -9.73
N ASP A 130 -19.00 -6.26 -8.68
CA ASP A 130 -17.89 -5.33 -8.79
C ASP A 130 -16.85 -5.68 -9.86
N TYR A 131 -16.43 -4.68 -10.62
CA TYR A 131 -15.45 -4.92 -11.66
C TYR A 131 -14.06 -4.63 -11.17
N HIS A 132 -13.24 -5.68 -11.25
CA HIS A 132 -11.84 -5.61 -10.84
C HIS A 132 -11.11 -5.73 -12.13
N PRO A 133 -10.26 -4.74 -12.43
CA PRO A 133 -9.71 -4.60 -13.75
C PRO A 133 -8.34 -5.23 -13.89
N GLY A 134 -8.17 -5.89 -15.03
CA GLY A 134 -6.89 -6.52 -15.36
C GLY A 134 -6.71 -7.83 -14.62
N SER A 135 -7.75 -8.21 -13.87
CA SER A 135 -7.79 -9.46 -13.15
C SER A 135 -7.93 -10.65 -14.10
N GLN A 136 -7.35 -11.79 -13.72
CA GLN A 136 -7.49 -13.02 -14.49
C GLN A 136 -7.86 -14.22 -13.63
N THR A 137 -8.47 -15.22 -14.27
CA THR A 137 -8.89 -16.40 -13.55
C THR A 137 -7.68 -17.14 -13.10
N LEU A 138 -7.85 -17.85 -12.01
CA LEU A 138 -6.78 -18.59 -11.39
C LEU A 138 -6.33 -19.70 -12.32
N LEU A 139 -7.28 -20.27 -13.05
CA LEU A 139 -7.00 -21.29 -14.04
C LEU A 139 -6.05 -20.75 -15.08
N ALA A 140 -6.31 -19.53 -15.54
CA ALA A 140 -5.49 -18.96 -16.59
C ALA A 140 -4.10 -18.66 -16.07
N LYS A 141 -4.02 -18.14 -14.84
CA LYS A 141 -2.76 -17.74 -14.25
C LYS A 141 -1.80 -18.92 -14.20
N TYR A 142 -2.14 -19.92 -13.40
CA TYR A 142 -1.16 -20.91 -13.05
C TYR A 142 -1.10 -22.13 -13.92
N PHE A 143 -2.15 -22.38 -14.70
CA PHE A 143 -2.28 -23.64 -15.42
C PHE A 143 -2.06 -23.61 -16.95
N THR A 144 -2.03 -22.41 -17.55
CA THR A 144 -1.64 -22.30 -18.98
C THR A 144 -0.24 -22.87 -19.14
N PRO A 145 -0.04 -23.77 -20.10
CA PRO A 145 1.21 -24.53 -20.19
C PRO A 145 2.31 -23.95 -21.08
N ALA A 146 3.58 -24.18 -20.69
CA ALA A 146 4.74 -23.96 -21.58
C ALA A 146 5.91 -24.95 -21.42
N PRO A 147 5.65 -26.29 -21.56
CA PRO A 147 6.72 -27.25 -21.25
C PRO A 147 7.64 -27.58 -22.41
N ARG A 171 10.21 -33.71 -12.53
CA ARG A 171 8.85 -33.20 -12.59
C ARG A 171 8.81 -31.74 -13.02
N THR A 172 8.71 -31.56 -14.35
CA THR A 172 8.56 -30.25 -15.01
C THR A 172 7.08 -29.79 -15.11
N SER A 173 6.13 -30.74 -14.90
CA SER A 173 4.67 -30.50 -15.02
C SER A 173 4.34 -29.82 -16.37
N ASN A 174 3.51 -28.77 -16.34
CA ASN A 174 3.41 -27.84 -17.48
C ASN A 174 4.26 -26.58 -17.24
N GLY A 175 4.39 -26.20 -15.97
CA GLY A 175 5.27 -25.12 -15.54
C GLY A 175 6.17 -25.54 -14.40
N PRO A 176 7.20 -24.74 -14.12
CA PRO A 176 7.99 -24.94 -12.92
C PRO A 176 7.03 -25.00 -11.75
N LEU A 177 7.05 -26.07 -10.97
CA LEU A 177 6.22 -26.14 -9.75
C LEU A 177 6.13 -24.82 -8.99
N LEU A 178 4.92 -24.48 -8.54
CA LEU A 178 4.72 -23.22 -7.85
C LEU A 178 5.56 -23.13 -6.58
N PRO A 179 6.06 -21.94 -6.24
CA PRO A 179 6.70 -21.79 -4.94
C PRO A 179 5.71 -21.98 -3.79
N GLU A 180 6.15 -22.68 -2.74
CA GLU A 180 5.26 -23.00 -1.62
C GLU A 180 4.68 -21.76 -0.96
N ALA A 181 5.51 -20.75 -0.76
CA ALA A 181 5.08 -19.50 -0.14
C ALA A 181 3.86 -18.91 -0.84
N THR A 182 3.86 -19.01 -2.17
CA THR A 182 2.82 -18.54 -3.05
C THR A 182 1.54 -19.27 -2.76
N ILE A 183 1.64 -20.60 -2.67
CA ILE A 183 0.48 -21.46 -2.44
C ILE A 183 -0.21 -21.14 -1.14
N TRP A 184 0.56 -20.87 -0.08
CA TRP A 184 -0.03 -20.54 1.20
C TRP A 184 -0.79 -19.25 1.20
N SER A 185 -0.28 -18.26 0.46
CA SER A 185 -0.95 -16.98 0.42
C SER A 185 -2.30 -17.15 -0.24
N ILE A 186 -2.33 -18.03 -1.25
CA ILE A 186 -3.58 -18.36 -1.93
C ILE A 186 -4.48 -19.05 -0.89
N ILE A 187 -3.89 -19.98 -0.14
CA ILE A 187 -4.62 -20.71 0.88
C ILE A 187 -5.13 -19.72 1.90
N MET A 188 -4.28 -18.81 2.37
CA MET A 188 -4.72 -17.86 3.38
C MET A 188 -5.87 -16.95 2.92
N GLN A 189 -5.99 -16.76 1.62
CA GLN A 189 -7.01 -15.89 1.14
C GLN A 189 -8.33 -16.65 0.87
N LEU A 190 -8.21 -17.88 0.39
CA LEU A 190 -9.41 -18.66 0.08
C LEU A 190 -10.10 -19.10 1.35
N THR A 191 -9.29 -19.55 2.29
CA THR A 191 -9.78 -19.92 3.59
C THR A 191 -10.44 -18.72 4.24
N ALA A 192 -9.85 -17.54 4.07
CA ALA A 192 -10.46 -16.33 4.59
C ALA A 192 -11.84 -16.13 4.00
N GLY A 193 -11.96 -16.48 2.73
CA GLY A 193 -13.21 -16.35 1.99
C GLY A 193 -14.26 -17.29 2.49
N LEU A 194 -13.93 -18.57 2.62
CA LEU A 194 -14.91 -19.58 3.05
C LEU A 194 -15.30 -19.35 4.47
N LYS A 195 -14.34 -18.93 5.30
CA LYS A 195 -14.64 -18.66 6.69
C LYS A 195 -15.72 -17.58 6.76
N ALA A 196 -15.58 -16.54 5.92
CA ALA A 196 -16.55 -15.45 5.85
C ALA A 196 -17.90 -15.91 5.32
N ILE A 197 -17.89 -16.80 4.34
CA ILE A 197 -19.07 -17.23 3.59
C ILE A 197 -19.89 -18.27 4.34
N HIS A 198 -19.21 -19.22 4.99
CA HIS A 198 -19.93 -20.25 5.73
C HIS A 198 -20.52 -19.59 6.91
N HIS A 199 -19.76 -18.68 7.49
CA HIS A 199 -20.15 -18.10 8.73
C HIS A 199 -21.46 -17.38 8.54
N ALA A 200 -21.67 -16.89 7.33
CA ALA A 200 -22.90 -16.24 6.93
C ALA A 200 -23.92 -17.30 6.43
N GLY A 201 -23.64 -18.58 6.68
CA GLY A 201 -24.61 -19.67 6.39
C GLY A 201 -24.83 -20.10 4.94
N LEU A 202 -23.73 -20.05 4.17
CA LEU A 202 -23.70 -20.27 2.72
C LEU A 202 -22.61 -21.24 2.27
N ALA A 203 -22.77 -21.78 1.06
CA ALA A 203 -21.79 -22.71 0.49
C ALA A 203 -21.41 -22.14 -0.86
N CYS A 204 -20.12 -22.11 -1.15
CA CYS A 204 -19.65 -21.52 -2.40
C CYS A 204 -20.42 -22.12 -3.58
N LYS A 205 -20.83 -23.38 -3.40
CA LYS A 205 -21.60 -24.10 -4.38
C LYS A 205 -20.66 -24.61 -5.45
N VAL A 206 -19.89 -23.74 -6.08
CA VAL A 206 -18.85 -24.20 -6.99
C VAL A 206 -17.51 -23.57 -6.67
N LEU A 207 -16.49 -24.39 -6.43
CA LEU A 207 -15.14 -23.92 -6.17
C LEU A 207 -14.22 -24.64 -7.11
N ASP A 208 -13.40 -23.89 -7.82
CA ASP A 208 -12.45 -24.50 -8.76
C ASP A 208 -11.70 -23.43 -9.55
N PRO A 209 -10.64 -23.81 -10.29
CA PRO A 209 -9.79 -22.83 -10.92
C PRO A 209 -10.51 -21.74 -11.71
N THR A 210 -11.51 -22.09 -12.53
CA THR A 210 -12.25 -21.06 -13.26
C THR A 210 -13.03 -20.08 -12.39
N LYS A 211 -13.59 -20.57 -11.28
CA LYS A 211 -14.41 -19.71 -10.42
C LYS A 211 -13.66 -18.73 -9.51
N ILE A 212 -12.35 -18.86 -9.43
CA ILE A 212 -11.53 -17.93 -8.64
C ILE A 212 -10.75 -17.01 -9.57
N ILE A 213 -10.76 -15.71 -9.27
CA ILE A 213 -9.95 -14.77 -10.05
C ILE A 213 -8.87 -14.11 -9.22
N VAL A 214 -7.73 -13.92 -9.85
CA VAL A 214 -6.63 -13.20 -9.19
C VAL A 214 -6.32 -11.82 -9.80
N THR A 215 -6.53 -10.80 -8.97
CA THR A 215 -6.43 -9.42 -9.35
C THR A 215 -5.19 -8.86 -8.71
N GLY A 216 -4.11 -8.85 -9.46
CA GLY A 216 -2.80 -8.52 -8.89
C GLY A 216 -2.45 -9.63 -7.92
N LYS A 217 -2.07 -9.28 -6.70
CA LYS A 217 -1.82 -10.30 -5.70
C LYS A 217 -3.12 -10.87 -5.11
N ARG A 218 -4.20 -10.10 -5.12
CA ARG A 218 -5.52 -10.46 -4.53
C ARG A 218 -6.25 -11.61 -5.19
N VAL A 219 -6.69 -12.57 -4.38
CA VAL A 219 -7.42 -13.71 -4.90
C VAL A 219 -8.88 -13.62 -4.46
N ARG A 220 -9.81 -13.78 -5.40
CA ARG A 220 -11.23 -13.67 -5.09
C ARG A 220 -12.11 -14.80 -5.64
N PHE A 221 -13.17 -15.11 -4.91
CA PHE A 221 -14.25 -15.96 -5.40
C PHE A 221 -15.13 -15.15 -6.37
N SER A 222 -14.95 -15.44 -7.64
CA SER A 222 -15.50 -14.63 -8.73
C SER A 222 -17.04 -14.54 -8.89
N SER A 223 -17.74 -15.67 -8.84
CA SER A 223 -19.20 -15.68 -9.08
C SER A 223 -19.91 -16.71 -8.24
N CYS A 224 -19.87 -16.47 -6.94
CA CYS A 224 -20.28 -17.46 -6.00
C CYS A 224 -21.79 -17.65 -6.01
N CYS A 225 -22.49 -16.52 -6.14
CA CYS A 225 -23.94 -16.53 -5.99
C CYS A 225 -24.69 -17.28 -7.09
N ILE A 226 -24.22 -17.19 -8.31
CA ILE A 226 -24.89 -17.76 -9.48
C ILE A 226 -25.35 -19.21 -9.33
N SER A 227 -24.53 -20.07 -8.73
CA SER A 227 -24.81 -21.50 -8.66
C SER A 227 -26.12 -21.78 -7.93
N ASP A 228 -26.39 -21.03 -6.87
CA ASP A 228 -27.59 -21.20 -6.05
C ASP A 228 -28.87 -20.90 -6.79
N ILE A 229 -28.91 -19.87 -7.60
CA ILE A 229 -30.15 -19.50 -8.30
C ILE A 229 -30.45 -20.40 -9.47
N THR A 230 -29.41 -20.76 -10.21
CA THR A 230 -29.56 -21.59 -11.40
C THR A 230 -30.10 -23.00 -11.09
N GLN A 231 -29.53 -23.63 -10.07
CA GLN A 231 -29.94 -24.96 -9.62
C GLN A 231 -31.13 -24.92 -8.66
N PHE A 232 -31.54 -23.71 -8.27
CA PHE A 232 -32.64 -23.56 -7.31
C PHE A 232 -33.94 -24.11 -7.85
N ASP A 233 -34.61 -24.78 -6.94
CA ASP A 233 -35.80 -25.52 -7.22
C ASP A 233 -36.97 -25.00 -6.39
N PRO A 234 -38.16 -24.92 -7.01
CA PRO A 234 -39.34 -24.45 -6.26
C PRO A 234 -39.67 -25.31 -5.03
N ASN A 235 -39.65 -26.63 -5.21
CA ASN A 235 -40.01 -27.57 -4.16
C ASN A 235 -38.83 -28.43 -3.67
N ALA A 236 -38.50 -28.30 -2.39
CA ALA A 236 -37.47 -29.15 -1.81
C ALA A 236 -37.84 -29.47 -0.36
N SER A 237 -37.05 -30.33 0.29
CA SER A 237 -37.15 -30.50 1.75
C SER A 237 -37.09 -29.10 2.39
N ASN A 238 -36.19 -28.26 1.86
CA ASN A 238 -36.13 -26.81 2.08
C ASN A 238 -35.10 -26.23 1.10
N PRO A 239 -35.16 -24.91 0.77
CA PRO A 239 -34.07 -24.32 0.00
C PRO A 239 -32.71 -24.44 0.69
N LEU A 240 -32.65 -24.02 1.94
CA LEU A 240 -31.37 -23.92 2.63
C LEU A 240 -31.14 -25.04 3.63
N ALA A 241 -32.02 -26.05 3.61
CA ALA A 241 -31.82 -27.25 4.43
C ALA A 241 -30.54 -27.94 4.01
N LEU A 242 -30.18 -27.80 2.75
CA LEU A 242 -29.03 -28.52 2.23
C LEU A 242 -27.68 -27.89 2.50
N VAL A 243 -27.64 -26.63 2.98
CA VAL A 243 -26.40 -25.82 2.97
C VAL A 243 -25.22 -26.48 3.61
N ASN A 244 -25.43 -27.22 4.70
CA ASN A 244 -24.28 -27.80 5.36
C ASN A 244 -23.53 -28.84 4.54
N MET A 245 -24.25 -29.73 3.85
CA MET A 245 -23.57 -30.69 3.00
C MET A 245 -22.86 -29.97 1.89
N HIS A 246 -23.42 -28.84 1.45
CA HIS A 246 -22.73 -27.97 0.48
C HIS A 246 -21.44 -27.44 1.02
N GLN A 247 -21.45 -27.10 2.31
CA GLN A 247 -20.31 -26.49 2.95
C GLN A 247 -19.18 -27.51 3.03
N GLN A 248 -19.52 -28.73 3.43
CA GLN A 248 -18.55 -29.83 3.42
C GLN A 248 -18.00 -30.08 2.02
N ASP A 249 -18.90 -30.03 1.04
CA ASP A 249 -18.54 -30.21 -0.37
C ASP A 249 -17.52 -29.14 -0.77
N ASP A 250 -17.70 -27.93 -0.26
CA ASP A 250 -16.72 -26.87 -0.48
C ASP A 250 -15.37 -27.25 0.09
N LEU A 251 -15.33 -27.57 1.39
CA LEU A 251 -14.06 -27.89 2.06
C LEU A 251 -13.28 -29.02 1.37
N THR A 252 -14.01 -30.00 0.84
CA THR A 252 -13.46 -31.01 -0.06
C THR A 252 -12.92 -30.35 -1.32
N ALA A 253 -13.73 -29.50 -1.94
CA ALA A 253 -13.40 -28.85 -3.19
C ALA A 253 -12.17 -27.96 -3.00
N LEU A 254 -12.02 -27.39 -1.80
CA LEU A 254 -10.86 -26.58 -1.51
C LEU A 254 -9.60 -27.44 -1.61
N GLY A 255 -9.69 -28.62 -1.03
CA GLY A 255 -8.60 -29.59 -0.99
C GLY A 255 -8.12 -29.96 -2.37
N ARG A 256 -9.05 -30.11 -3.30
CA ARG A 256 -8.72 -30.49 -4.68
C ARG A 256 -7.98 -29.37 -5.38
N LEU A 257 -8.49 -28.15 -5.18
CA LEU A 257 -7.90 -26.96 -5.78
C LEU A 257 -6.44 -26.75 -5.38
N VAL A 258 -6.18 -26.89 -4.08
CA VAL A 258 -4.83 -26.69 -3.57
C VAL A 258 -3.94 -27.87 -3.97
N LEU A 259 -4.47 -29.09 -4.00
CA LEU A 259 -3.71 -30.22 -4.50
C LEU A 259 -3.37 -30.01 -5.95
N ALA A 260 -4.31 -29.46 -6.70
CA ALA A 260 -4.13 -29.23 -8.12
C ALA A 260 -3.08 -28.15 -8.33
N LEU A 261 -3.00 -27.22 -7.39
CA LEU A 261 -2.06 -26.13 -7.49
C LEU A 261 -0.68 -26.65 -7.18
N ALA A 262 -0.56 -27.47 -6.15
CA ALA A 262 0.74 -28.01 -5.74
C ALA A 262 1.40 -28.67 -6.93
N CYS A 263 0.71 -29.66 -7.47
CA CYS A 263 1.17 -30.36 -8.64
C CYS A 263 1.23 -29.42 -9.84
N ARG A 264 0.33 -28.44 -9.89
CA ARG A 264 0.22 -27.56 -11.04
C ARG A 264 -0.21 -28.35 -12.29
N CYS A 265 -0.50 -29.63 -12.10
CA CYS A 265 -1.18 -30.46 -13.09
C CYS A 265 -2.64 -30.46 -12.71
N LEU A 266 -3.51 -30.15 -13.65
CA LEU A 266 -4.90 -29.99 -13.31
C LEU A 266 -5.63 -31.34 -13.13
N GLN A 267 -5.22 -32.32 -13.91
CA GLN A 267 -5.77 -33.67 -13.84
C GLN A 267 -5.39 -34.53 -12.63
N SER A 268 -4.52 -34.02 -11.78
CA SER A 268 -4.04 -34.71 -10.57
C SER A 268 -5.17 -34.93 -9.58
N VAL A 269 -6.21 -34.12 -9.66
CA VAL A 269 -7.40 -34.32 -8.84
C VAL A 269 -8.14 -35.65 -9.04
N GLN A 270 -8.29 -36.10 -10.30
CA GLN A 270 -8.96 -37.38 -10.62
C GLN A 270 -8.72 -38.56 -9.65
N ARG A 271 -9.81 -39.30 -9.35
CA ARG A 271 -9.83 -40.44 -8.40
C ARG A 271 -8.59 -41.32 -8.42
N ASP A 272 -8.28 -41.76 -9.63
CA ASP A 272 -7.17 -42.68 -9.88
C ASP A 272 -5.83 -42.10 -9.48
N ASN A 273 -5.66 -40.81 -9.77
CA ASN A 273 -4.37 -40.14 -9.66
C ASN A 273 -4.04 -39.60 -8.26
N VAL A 274 -5.07 -39.18 -7.52
CA VAL A 274 -4.92 -38.49 -6.23
C VAL A 274 -3.83 -38.99 -5.25
N GLN A 275 -3.85 -40.27 -4.91
CA GLN A 275 -2.91 -40.78 -3.92
C GLN A 275 -1.47 -40.43 -4.29
N SER A 276 -1.15 -40.57 -5.57
CA SER A 276 0.18 -40.29 -6.03
C SER A 276 0.40 -38.80 -6.21
N SER A 277 -0.67 -38.07 -6.48
CA SER A 277 -0.58 -36.60 -6.48
C SER A 277 -0.23 -36.11 -5.06
N ILE A 278 -0.82 -36.76 -4.06
CA ILE A 278 -0.51 -36.45 -2.67
C ILE A 278 0.94 -36.83 -2.42
N ASP A 279 1.35 -37.96 -2.98
CA ASP A 279 2.73 -38.38 -2.93
C ASP A 279 3.66 -37.37 -3.60
N MET A 280 3.19 -36.75 -4.69
CA MET A 280 3.95 -35.69 -5.33
C MET A 280 4.18 -34.55 -4.35
N VAL A 281 3.09 -34.04 -3.78
CA VAL A 281 3.12 -32.98 -2.79
C VAL A 281 4.17 -33.22 -1.69
N THR A 282 4.22 -34.43 -1.14
CA THR A 282 5.04 -34.74 0.05
C THR A 282 6.53 -34.75 -0.32
N ARG A 283 6.82 -35.08 -1.58
CA ARG A 283 8.19 -35.06 -2.05
C ARG A 283 8.73 -33.63 -2.18
N ASN A 284 7.89 -32.72 -2.69
CA ASN A 284 8.34 -31.39 -3.07
C ASN A 284 7.88 -30.24 -2.20
N TYR A 285 7.03 -30.50 -1.21
CA TYR A 285 6.53 -29.46 -0.32
C TYR A 285 6.53 -29.90 1.14
N SER A 286 6.24 -28.95 2.02
CA SER A 286 6.14 -29.16 3.45
C SER A 286 5.13 -30.22 3.83
N THR A 287 5.36 -30.90 4.95
CA THR A 287 4.40 -31.89 5.38
C THR A 287 3.16 -31.23 5.95
N ASP A 288 3.24 -29.94 6.27
CA ASP A 288 2.03 -29.18 6.58
C ASP A 288 1.08 -29.13 5.40
N LEU A 289 1.63 -28.95 4.20
CA LEU A 289 0.82 -28.84 3.00
C LEU A 289 0.23 -30.19 2.78
N ARG A 290 1.03 -31.22 3.05
CA ARG A 290 0.56 -32.59 3.00
C ARG A 290 -0.65 -32.77 3.93
N ASN A 291 -0.46 -32.49 5.21
CA ASN A 291 -1.58 -32.54 6.13
C ASN A 291 -2.77 -31.69 5.71
N PHE A 292 -2.51 -30.53 5.12
CA PHE A 292 -3.58 -29.65 4.73
C PHE A 292 -4.45 -30.31 3.67
N ILE A 293 -3.83 -30.75 2.58
CA ILE A 293 -4.54 -31.43 1.50
C ILE A 293 -5.20 -32.71 2.01
N VAL A 294 -4.47 -33.43 2.86
CA VAL A 294 -4.93 -34.70 3.39
C VAL A 294 -6.08 -34.51 4.34
N TYR A 295 -6.02 -33.50 5.20
CA TYR A 295 -7.10 -33.26 6.15
C TYR A 295 -8.41 -33.01 5.42
N LEU A 296 -8.32 -32.30 4.31
CA LEU A 296 -9.52 -31.90 3.61
C LEU A 296 -10.16 -33.08 2.93
N PHE A 297 -9.34 -34.06 2.57
CA PHE A 297 -9.82 -35.23 1.87
C PHE A 297 -10.55 -36.28 2.74
N THR A 298 -10.23 -36.40 4.03
CA THR A 298 -11.06 -37.27 4.87
C THR A 298 -12.52 -36.80 4.77
N THR A 299 -13.43 -37.69 4.39
CA THR A 299 -14.80 -37.27 4.06
C THR A 299 -15.82 -37.67 5.10
N ASN A 300 -15.51 -38.72 5.86
CA ASN A 300 -16.41 -39.18 6.90
C ASN A 300 -16.59 -38.08 7.94
N ASN A 301 -15.49 -37.38 8.22
CA ASN A 301 -15.49 -36.31 9.20
C ASN A 301 -16.16 -35.03 8.77
N ARG A 302 -16.94 -34.48 9.68
CA ARG A 302 -17.44 -33.11 9.57
C ARG A 302 -16.24 -32.20 9.81
N ARG A 303 -16.15 -31.10 9.06
CA ARG A 303 -14.92 -30.26 9.01
C ARG A 303 -15.21 -28.78 9.09
N SER A 304 -14.18 -27.97 9.26
CA SER A 304 -14.37 -26.54 9.38
C SER A 304 -13.23 -25.84 8.76
N VAL A 305 -13.49 -24.67 8.22
CA VAL A 305 -12.46 -23.88 7.61
C VAL A 305 -11.46 -23.57 8.69
N THR A 306 -11.95 -23.20 9.85
CA THR A 306 -11.06 -22.76 10.92
C THR A 306 -10.28 -23.90 11.59
N ASP A 307 -10.65 -25.15 11.28
CA ASP A 307 -9.83 -26.29 11.69
C ASP A 307 -8.50 -26.26 10.96
N LEU A 308 -8.45 -25.63 9.80
CA LEU A 308 -7.23 -25.62 8.98
C LEU A 308 -6.17 -24.71 9.52
N MET A 309 -6.56 -23.88 10.49
CA MET A 309 -5.68 -22.86 11.03
C MET A 309 -4.29 -23.33 11.47
N PRO A 310 -4.19 -24.41 12.27
CA PRO A 310 -2.86 -24.70 12.80
C PRO A 310 -1.93 -25.18 11.73
N MET A 311 -2.48 -25.65 10.61
CA MET A 311 -1.65 -26.10 9.51
C MET A 311 -1.00 -24.95 8.74
N ILE A 312 -1.77 -23.90 8.45
CA ILE A 312 -1.23 -22.65 7.98
C ILE A 312 -0.22 -22.21 9.01
N GLY A 313 -0.64 -22.29 10.27
CA GLY A 313 0.25 -22.08 11.39
C GLY A 313 1.02 -20.77 11.31
N ALA A 314 2.35 -20.82 11.36
CA ALA A 314 3.14 -19.63 11.55
C ALA A 314 3.14 -18.72 10.32
N ARG A 315 2.54 -19.19 9.22
CA ARG A 315 2.48 -18.37 7.99
C ARG A 315 1.71 -17.08 8.13
N PHE A 316 0.74 -17.06 9.02
CA PHE A 316 -0.08 -15.87 9.26
C PHE A 316 0.75 -14.59 9.49
N TYR A 317 1.77 -14.65 10.33
CA TYR A 317 2.70 -13.57 10.48
C TYR A 317 3.31 -13.17 9.12
N THR A 318 3.64 -14.19 8.32
CA THR A 318 4.21 -14.01 7.00
C THR A 318 3.28 -13.25 6.08
N GLN A 319 2.02 -13.62 6.10
CA GLN A 319 1.06 -12.95 5.28
C GLN A 319 0.74 -11.60 5.92
N LEU A 320 0.60 -11.62 7.24
CA LEU A 320 0.15 -10.48 7.97
C LEU A 320 1.20 -9.46 7.70
N ASP A 321 2.42 -9.93 7.51
CA ASP A 321 3.49 -8.98 7.26
C ASP A 321 3.48 -8.35 5.87
N ALA A 322 3.36 -9.17 4.82
CA ALA A 322 3.28 -8.71 3.45
C ALA A 322 2.15 -7.70 3.21
N LEU A 323 1.02 -7.89 3.87
CA LEU A 323 -0.09 -6.94 3.77
C LEU A 323 0.27 -5.57 4.38
N GLN A 324 0.94 -5.59 5.53
CA GLN A 324 1.39 -4.35 6.17
C GLN A 324 2.43 -3.60 5.29
N SER A 325 3.32 -4.36 4.64
CA SER A 325 4.26 -3.79 3.73
C SER A 325 3.57 -3.24 2.48
N LYS A 326 2.50 -3.90 2.05
CA LYS A 326 1.68 -3.31 0.98
C LYS A 326 1.03 -2.02 1.46
N ILE A 327 0.61 -2.00 2.71
CA ILE A 327 0.04 -0.80 3.29
C ILE A 327 1.09 0.30 3.34
N ASP A 328 2.34 -0.08 3.62
CA ASP A 328 3.45 0.87 3.63
C ASP A 328 3.71 1.46 2.27
N MET A 329 3.76 0.59 1.28
CA MET A 329 4.06 1.00 -0.05
C MET A 329 3.05 2.03 -0.57
N GLN A 330 1.79 1.80 -0.24
CA GLN A 330 0.73 2.70 -0.68
C GLN A 330 0.82 4.06 0.00
N GLU A 331 1.13 4.07 1.30
CA GLU A 331 1.32 5.33 2.00
C GLU A 331 2.42 6.14 1.36
N ASP A 332 3.48 5.49 0.89
CA ASP A 332 4.54 6.13 0.07
C ASP A 332 3.96 6.74 -1.15
N GLU A 333 3.26 5.91 -1.92
CA GLU A 333 2.70 6.30 -3.19
C GLU A 333 1.74 7.43 -3.00
N LEU A 334 0.97 7.31 -1.92
CA LEU A 334 -0.09 8.25 -1.64
C LEU A 334 0.53 9.59 -1.29
N ALA A 335 1.65 9.53 -0.58
CA ALA A 335 2.47 10.69 -0.25
C ALA A 335 3.07 11.40 -1.44
N LYS A 336 3.60 10.66 -2.41
CA LYS A 336 4.23 11.28 -3.56
C LYS A 336 3.18 11.98 -4.39
N GLU A 337 2.01 11.37 -4.50
CA GLU A 337 0.90 11.97 -5.26
C GLU A 337 0.46 13.36 -4.75
N MET A 338 0.44 13.51 -3.43
CA MET A 338 0.18 14.79 -2.79
C MET A 338 1.29 15.79 -3.08
N GLU A 339 2.53 15.32 -3.18
CA GLU A 339 3.66 16.18 -3.49
C GLU A 339 3.48 16.63 -4.91
N ASN A 340 3.30 15.65 -5.79
CA ASN A 340 2.91 15.92 -7.16
C ASN A 340 1.80 16.99 -7.24
N GLY A 341 0.81 16.86 -6.35
CA GLY A 341 -0.24 17.87 -6.22
C GLY A 341 0.30 19.25 -5.93
N ARG A 342 1.11 19.37 -4.88
CA ARG A 342 1.70 20.64 -4.44
C ARG A 342 2.47 21.30 -5.59
N LEU A 343 3.32 20.50 -6.22
CA LEU A 343 4.24 20.98 -7.22
C LEU A 343 3.59 21.26 -8.58
N TYR A 344 2.64 20.43 -9.00
CA TYR A 344 1.95 20.71 -10.23
C TYR A 344 1.40 22.12 -10.16
N ARG A 345 0.79 22.46 -9.03
CA ARG A 345 0.20 23.76 -8.83
C ARG A 345 1.21 24.92 -8.85
N ILE A 346 2.36 24.74 -8.18
CA ILE A 346 3.47 25.70 -8.21
C ILE A 346 3.88 25.94 -9.64
N LEU A 347 3.96 24.87 -10.41
CA LEU A 347 4.34 24.97 -11.81
C LEU A 347 3.32 25.76 -12.63
N VAL A 348 2.03 25.56 -12.36
CA VAL A 348 1.00 26.28 -13.07
C VAL A 348 1.11 27.78 -12.81
N LYS A 349 1.39 28.19 -11.58
CA LYS A 349 1.59 29.61 -11.26
C LYS A 349 2.81 30.14 -11.97
N LEU A 350 3.87 29.32 -12.06
CA LEU A 350 5.10 29.70 -12.73
C LEU A 350 4.87 29.98 -14.22
N ASN A 351 4.11 29.10 -14.85
CA ASN A 351 3.81 29.19 -16.28
C ASN A 351 2.97 30.37 -16.65
N SER A 352 2.00 30.72 -15.81
CA SER A 352 1.12 31.87 -16.08
C SER A 352 1.91 33.15 -16.23
N ILE A 353 2.90 33.32 -15.37
CA ILE A 353 3.76 34.50 -15.39
C ILE A 353 4.74 34.62 -16.59
N ASN A 354 5.39 33.54 -17.01
CA ASN A 354 6.43 33.65 -17.99
C ASN A 354 5.82 33.91 -19.35
N GLU A 355 6.20 35.05 -19.92
CA GLU A 355 5.81 35.46 -21.25
C GLU A 355 4.33 35.89 -21.29
N ARG A 356 3.64 35.75 -20.15
CA ARG A 356 2.30 36.26 -19.98
C ARG A 356 2.42 37.77 -20.01
N PRO A 357 3.55 38.30 -19.48
CA PRO A 357 3.63 39.75 -19.35
C PRO A 357 3.85 40.48 -20.67
N ASP A 358 3.09 40.10 -21.71
CA ASP A 358 3.20 40.65 -23.07
C ASP A 358 2.93 42.14 -23.11
N PHE A 359 1.80 42.55 -22.54
CA PHE A 359 1.46 43.97 -22.36
C PHE A 359 0.93 44.28 -20.94
N ASN A 360 0.80 43.22 -20.14
CA ASN A 360 0.37 43.30 -18.74
C ASN A 360 0.79 44.59 -18.04
N LEU A 361 2.03 45.02 -18.21
CA LEU A 361 2.42 46.37 -17.77
C LEU A 361 3.14 47.17 -18.85
N ASP A 362 2.80 48.45 -18.89
CA ASP A 362 3.43 49.36 -19.82
C ASP A 362 4.85 49.73 -19.35
N CYS A 363 4.95 50.03 -18.06
CA CYS A 363 6.16 50.60 -17.47
C CYS A 363 7.28 49.60 -17.33
N THR A 364 6.91 48.33 -17.19
CA THR A 364 7.91 47.28 -17.01
C THR A 364 9.02 47.45 -18.05
N TRP A 365 10.26 47.56 -17.56
CA TRP A 365 11.44 47.76 -18.41
C TRP A 365 12.06 46.45 -18.68
N SER A 366 12.87 46.33 -19.72
CA SER A 366 13.37 45.04 -20.10
C SER A 366 14.32 44.47 -19.04
N GLU A 367 14.21 43.17 -18.81
CA GLU A 367 15.04 42.45 -17.84
C GLU A 367 15.07 43.03 -16.42
N THR A 368 13.90 43.36 -15.86
CA THR A 368 13.83 44.04 -14.56
C THR A 368 12.97 43.33 -13.50
N GLY A 369 13.52 43.25 -12.29
CA GLY A 369 12.81 42.81 -11.09
C GLY A 369 12.15 41.44 -11.14
N ASP A 370 10.87 41.40 -10.76
CA ASP A 370 10.17 40.14 -10.57
C ASP A 370 9.95 39.27 -11.80
N ARG A 371 9.52 39.85 -12.90
CA ARG A 371 9.20 39.07 -14.10
C ARG A 371 10.43 38.37 -14.63
N TYR A 372 11.55 39.09 -14.57
CA TYR A 372 12.87 38.66 -15.07
C TYR A 372 13.46 37.59 -14.19
N MET A 373 13.38 37.81 -12.89
CA MET A 373 13.90 36.85 -11.94
C MET A 373 13.25 35.47 -12.04
N LEU A 374 11.92 35.40 -12.12
CA LEU A 374 11.15 34.16 -12.45
C LEU A 374 11.41 33.57 -13.86
N LYS A 375 11.74 34.42 -14.82
CA LYS A 375 12.18 33.93 -16.12
C LYS A 375 13.52 33.22 -16.01
N LEU A 376 14.44 33.80 -15.23
CA LEU A 376 15.73 33.18 -14.99
C LEU A 376 15.56 31.85 -14.28
N PHE A 377 14.64 31.79 -13.33
CA PHE A 377 14.39 30.55 -12.59
C PHE A 377 13.83 29.47 -13.48
N ARG A 378 12.96 29.86 -14.40
CA ARG A 378 12.41 28.92 -15.36
C ARG A 378 13.55 28.31 -16.17
N ASP A 379 14.50 29.14 -16.59
CA ASP A 379 15.65 28.66 -17.34
C ASP A 379 16.50 27.73 -16.51
N TYR A 380 16.66 28.04 -15.23
CA TYR A 380 17.40 27.18 -14.32
C TYR A 380 16.88 25.73 -14.28
N LEU A 381 15.56 25.57 -14.30
CA LEU A 381 14.92 24.25 -14.31
C LEU A 381 15.03 23.55 -15.66
N PHE A 382 14.53 24.18 -16.73
CA PHE A 382 14.29 23.48 -18.01
C PHE A 382 15.29 23.73 -19.14
N HIS A 383 16.31 24.53 -18.86
CA HIS A 383 17.24 24.96 -19.88
C HIS A 383 18.63 24.70 -19.39
N SER A 384 18.91 23.41 -19.21
CA SER A 384 20.20 22.92 -18.77
C SER A 384 20.85 22.13 -19.88
N VAL A 385 22.17 22.27 -20.03
CA VAL A 385 22.96 21.67 -21.12
C VAL A 385 24.01 20.70 -20.55
N THR A 386 24.02 19.45 -21.03
CA THR A 386 25.07 18.47 -20.71
C THR A 386 26.37 18.94 -21.37
N GLU A 387 27.53 18.61 -20.79
CA GLU A 387 28.81 19.22 -21.22
C GLU A 387 28.98 19.15 -22.73
N ASP A 388 28.45 18.07 -23.30
CA ASP A 388 28.44 17.82 -24.74
C ASP A 388 27.64 18.94 -25.42
N GLY A 389 26.85 19.66 -24.62
CA GLY A 389 25.95 20.68 -25.13
C GLY A 389 24.56 20.09 -25.34
N ARG A 390 24.40 18.82 -25.00
CA ARG A 390 23.10 18.18 -25.06
C ARG A 390 22.18 18.74 -23.97
N PRO A 391 20.86 18.77 -24.23
CA PRO A 391 19.95 19.20 -23.19
C PRO A 391 19.98 18.19 -22.06
N TRP A 392 20.31 18.64 -20.87
CA TRP A 392 20.25 17.76 -19.72
C TRP A 392 18.97 18.10 -19.01
N LEU A 393 17.96 17.25 -19.14
CA LEU A 393 16.74 17.45 -18.36
C LEU A 393 16.84 16.52 -17.16
N ASP A 394 16.86 17.10 -15.97
CA ASP A 394 16.89 16.34 -14.76
C ASP A 394 15.52 16.35 -14.13
N HIS A 395 14.92 15.18 -14.04
CA HIS A 395 13.63 15.05 -13.40
C HIS A 395 13.74 15.25 -11.92
N ALA A 396 14.74 14.63 -11.31
CA ALA A 396 14.91 14.69 -9.87
C ALA A 396 15.31 16.09 -9.42
N HIS A 397 16.14 16.74 -10.22
CA HIS A 397 16.60 18.09 -9.91
C HIS A 397 15.47 19.08 -9.87
N ILE A 398 14.58 18.96 -10.85
CA ILE A 398 13.42 19.83 -10.97
C ILE A 398 12.50 19.67 -9.77
N VAL A 399 12.34 18.43 -9.31
CA VAL A 399 11.47 18.17 -8.14
C VAL A 399 12.08 18.76 -6.88
N GLN A 400 13.40 18.68 -6.75
CA GLN A 400 14.09 19.23 -5.59
C GLN A 400 13.95 20.75 -5.51
N CYS A 401 14.07 21.41 -6.67
CA CYS A 401 14.00 22.87 -6.77
C CYS A 401 12.63 23.42 -6.48
N LEU A 402 11.61 22.76 -7.01
CA LEU A 402 10.24 23.20 -6.82
C LEU A 402 9.82 23.02 -5.36
N ASN A 403 10.27 21.93 -4.75
CA ASN A 403 10.01 21.73 -3.32
C ASN A 403 10.67 22.80 -2.47
N LYS A 404 11.87 23.21 -2.85
CA LYS A 404 12.56 24.30 -2.20
C LYS A 404 11.78 25.59 -2.37
N LEU A 405 11.18 25.76 -3.54
CA LEU A 405 10.42 26.95 -3.82
C LEU A 405 9.08 26.93 -3.12
N ASP A 406 8.45 25.76 -3.11
CA ASP A 406 7.17 25.55 -2.43
C ASP A 406 7.31 25.69 -0.93
N ALA A 407 8.37 25.13 -0.37
CA ALA A 407 8.66 25.27 1.05
C ALA A 407 9.23 26.66 1.36
N GLY A 408 9.93 27.25 0.37
CA GLY A 408 10.54 28.59 0.48
C GLY A 408 11.74 28.64 1.41
N SER A 409 12.74 27.77 1.16
CA SER A 409 13.82 27.51 2.09
C SER A 409 14.85 28.63 2.18
N ILE A 410 15.55 28.63 3.31
CA ILE A 410 16.63 29.55 3.64
C ILE A 410 17.66 29.60 2.53
N GLU A 411 17.97 28.42 2.03
CA GLU A 411 19.04 28.19 1.09
C GLU A 411 18.86 28.95 -0.22
N ARG A 412 19.98 29.40 -0.77
CA ARG A 412 20.02 30.27 -1.96
C ARG A 412 20.57 29.60 -3.22
N VAL A 413 20.08 29.99 -4.39
CA VAL A 413 20.57 29.39 -5.66
C VAL A 413 21.05 30.43 -6.65
N GLN A 414 21.96 30.03 -7.53
CA GLN A 414 22.53 30.98 -8.45
C GLN A 414 21.93 30.87 -9.85
N LEU A 415 21.23 31.92 -10.24
CA LEU A 415 20.52 31.96 -11.48
C LEU A 415 21.37 32.71 -12.47
N MET A 416 21.66 32.06 -13.57
CA MET A 416 22.61 32.57 -14.50
C MET A 416 21.90 32.96 -15.78
N SER A 417 22.17 34.14 -16.30
CA SER A 417 21.61 34.52 -17.60
C SER A 417 22.16 33.65 -18.70
N ARG A 418 21.51 33.68 -19.85
CA ARG A 418 22.07 33.14 -21.08
C ARG A 418 23.43 33.78 -21.39
N ASP A 419 23.52 35.10 -21.25
CA ASP A 419 24.82 35.75 -21.17
C ASP A 419 25.58 35.15 -20.02
N GLU A 420 26.86 34.91 -20.23
CA GLU A 420 27.66 34.44 -19.12
C GLU A 420 27.80 35.49 -18.03
N GLN A 421 27.95 36.74 -18.45
CA GLN A 421 28.20 37.85 -17.54
C GLN A 421 27.22 37.97 -16.38
N SER A 422 25.93 37.81 -16.66
CA SER A 422 24.93 38.09 -15.65
C SER A 422 24.77 36.92 -14.72
N VAL A 423 24.77 37.20 -13.41
CA VAL A 423 24.49 36.17 -12.39
C VAL A 423 23.78 36.75 -11.18
N LEU A 424 22.91 35.93 -10.61
CA LEU A 424 21.91 36.41 -9.69
C LEU A 424 21.64 35.39 -8.64
N ILE A 425 21.86 35.80 -7.40
CA ILE A 425 21.81 34.90 -6.27
C ILE A 425 20.68 35.35 -5.37
N VAL A 426 19.77 34.41 -5.09
CA VAL A 426 18.45 34.71 -4.52
C VAL A 426 18.09 33.55 -3.60
N SER A 427 17.55 33.83 -2.41
CA SER A 427 17.03 32.78 -1.51
C SER A 427 15.71 32.26 -2.00
N TYR A 428 15.48 30.95 -1.88
CA TYR A 428 14.23 30.38 -2.36
C TYR A 428 13.04 31.06 -1.76
N ALA A 429 13.16 31.46 -0.49
CA ALA A 429 12.08 32.18 0.17
C ALA A 429 11.79 33.49 -0.58
N GLU A 430 12.84 34.17 -1.02
CA GLU A 430 12.70 35.33 -1.87
C GLU A 430 12.14 34.93 -3.22
N LEU A 431 12.58 33.77 -3.68
CA LEU A 431 12.14 33.27 -4.97
C LEU A 431 10.65 32.94 -4.95
N LYS A 432 10.17 32.36 -3.84
CA LYS A 432 8.74 32.11 -3.65
C LYS A 432 7.92 33.39 -3.59
N ASN A 433 8.42 34.38 -2.87
CA ASN A 433 7.76 35.68 -2.75
C ASN A 433 7.45 36.33 -4.06
N CYS A 434 8.37 36.21 -5.02
CA CYS A 434 8.16 36.79 -6.34
C CYS A 434 6.97 36.15 -7.03
N LEU A 435 6.91 34.82 -6.93
CA LEU A 435 5.82 34.06 -7.54
C LEU A 435 4.50 34.40 -6.88
N GLU A 436 4.51 34.50 -5.56
CA GLU A 436 3.33 34.84 -4.79
C GLU A 436 2.79 36.23 -5.11
N ASN A 437 3.70 37.21 -5.10
CA ASN A 437 3.34 38.58 -5.34
C ASN A 437 3.01 38.76 -6.80
N ALA A 438 3.77 38.11 -7.66
CA ALA A 438 3.53 38.15 -9.10
C ALA A 438 2.16 37.55 -9.40
N PHE A 439 1.80 36.49 -8.68
CA PHE A 439 0.57 35.80 -8.99
C PHE A 439 -0.66 36.56 -8.54
N SER A 440 -0.61 37.10 -7.32
CA SER A 440 -1.69 37.91 -6.75
C SER A 440 -1.95 39.16 -7.57
N GLU A 441 -0.88 39.81 -8.00
CA GLU A 441 -0.98 40.97 -8.85
C GLU A 441 -1.72 40.59 -10.12
N LEU A 442 -1.35 39.44 -10.67
CA LEU A 442 -2.01 38.93 -11.85
C LEU A 442 -3.44 38.53 -11.57
N MET A 443 -3.67 37.90 -10.43
CA MET A 443 -5.00 37.40 -10.06
C MET A 443 -6.03 38.52 -9.92
N SER A 444 -5.64 39.61 -9.27
CA SER A 444 -6.50 40.78 -9.15
C SER A 444 -6.78 41.36 -10.51
N SER A 445 -5.77 41.38 -11.38
CA SER A 445 -5.87 41.97 -12.72
C SER A 445 -5.84 43.49 -12.61
N PRO B 37 25.32 22.98 16.08
CA PRO B 37 25.20 21.68 15.40
C PRO B 37 24.10 21.68 14.34
N LEU B 38 24.43 22.10 13.12
CA LEU B 38 23.47 22.10 11.99
C LEU B 38 23.86 21.10 10.89
N GLU B 39 25.16 20.78 10.86
CA GLU B 39 25.70 19.77 9.95
C GLU B 39 26.05 18.47 10.70
N VAL B 40 25.70 17.35 10.05
CA VAL B 40 26.21 16.01 10.36
C VAL B 40 26.73 15.45 9.05
N GLU B 41 27.59 14.46 9.13
CA GLU B 41 28.41 14.04 8.00
C GLU B 41 27.62 13.63 6.76
N ASN B 42 26.62 12.79 6.93
CA ASN B 42 25.86 12.25 5.81
C ASN B 42 24.46 12.85 5.71
N TYR B 43 24.23 13.93 6.45
CA TYR B 43 22.86 14.48 6.62
C TYR B 43 22.91 15.96 7.02
N HIS B 44 21.76 16.58 7.27
CA HIS B 44 21.69 18.02 7.62
C HIS B 44 20.31 18.36 8.10
N ALA B 45 20.03 19.64 8.32
CA ALA B 45 18.68 20.12 8.64
C ALA B 45 18.06 19.42 9.86
N LEU B 46 18.86 19.21 10.89
CA LEU B 46 18.35 18.44 12.00
C LEU B 46 17.32 19.17 12.84
N TYR B 47 16.30 18.42 13.26
CA TYR B 47 15.23 18.97 14.09
C TYR B 47 15.00 18.08 15.34
N PRO B 48 14.91 18.71 16.52
CA PRO B 48 14.70 17.95 17.79
C PRO B 48 13.30 17.41 18.03
N LEU B 49 13.24 16.10 18.28
CA LEU B 49 12.00 15.41 18.61
C LEU B 49 11.61 15.62 20.07
N GLU B 50 10.33 15.42 20.36
CA GLU B 50 9.83 15.60 21.71
C GLU B 50 8.88 14.48 22.14
N PRO B 51 8.90 14.13 23.44
CA PRO B 51 9.79 14.77 24.41
C PRO B 51 11.26 14.48 24.09
N PRO B 52 12.19 15.25 24.70
CA PRO B 52 13.61 14.95 24.45
C PRO B 52 13.90 13.50 24.84
N ALA B 53 14.72 12.83 24.04
CA ALA B 53 15.10 11.42 24.30
C ALA B 53 15.59 11.20 25.73
N GLN B 54 15.21 10.07 26.30
CA GLN B 54 15.61 9.73 27.66
C GLN B 54 17.09 9.38 27.70
N PRO B 55 17.83 9.79 28.76
CA PRO B 55 19.24 9.38 28.91
C PRO B 55 19.29 7.88 29.09
N LEU B 56 20.29 7.23 28.49
CA LEU B 56 20.33 5.76 28.47
C LEU B 56 21.28 5.17 29.51
N HIS B 57 20.90 4.04 30.09
CA HIS B 57 21.72 3.36 31.06
C HIS B 57 22.59 2.34 30.42
N ALA B 58 23.89 2.62 30.37
CA ALA B 58 24.87 1.67 29.95
C ALA B 58 25.45 1.06 31.23
N LYS B 59 26.20 1.87 31.97
CA LYS B 59 26.57 1.67 33.40
C LYS B 59 26.36 3.06 33.97
N LEU B 60 26.95 4.01 33.25
CA LEU B 60 26.72 5.41 33.47
C LEU B 60 25.89 5.88 32.31
N THR B 61 24.76 6.47 32.66
CA THR B 61 23.90 7.17 31.74
C THR B 61 24.75 7.99 30.76
N PHE B 62 24.64 7.64 29.48
CA PHE B 62 25.17 8.47 28.44
C PHE B 62 24.02 9.27 27.91
N PRO B 63 24.06 10.60 28.14
CA PRO B 63 23.02 11.45 27.62
C PRO B 63 22.84 11.14 26.15
N ALA B 64 21.60 10.93 25.73
CA ALA B 64 21.36 10.60 24.35
C ALA B 64 20.11 11.33 23.84
N THR B 65 20.15 11.74 22.58
CA THR B 65 19.08 12.56 21.98
C THR B 65 18.79 12.08 20.57
N THR B 66 17.53 12.18 20.17
CA THR B 66 17.10 11.74 18.85
C THR B 66 16.56 12.91 18.03
N TYR B 67 16.84 12.87 16.73
CA TYR B 67 16.59 14.04 15.88
C TYR B 67 15.92 13.72 14.56
N ARG B 68 15.09 14.63 14.11
CA ARG B 68 14.70 14.67 12.73
C ARG B 68 15.86 15.26 11.93
N ALA B 69 16.14 14.66 10.78
CA ALA B 69 17.14 15.22 9.84
C ALA B 69 16.70 15.02 8.40
N THR B 70 17.46 15.62 7.49
CA THR B 70 17.18 15.51 6.08
C THR B 70 18.43 15.08 5.31
N HIS B 71 18.30 14.09 4.44
CA HIS B 71 19.43 13.58 3.67
C HIS B 71 19.94 14.64 2.76
N ASN B 72 21.26 14.76 2.68
CA ASN B 72 21.89 15.75 1.81
C ASN B 72 21.70 15.51 0.31
N THR B 73 21.80 14.25 -0.12
CA THR B 73 21.76 13.89 -1.53
C THR B 73 20.35 13.77 -2.10
N THR B 74 19.45 13.15 -1.34
CA THR B 74 18.11 12.85 -1.82
C THR B 74 17.06 13.81 -1.29
N GLY B 75 17.30 14.37 -0.10
CA GLY B 75 16.36 15.30 0.53
C GLY B 75 15.26 14.56 1.28
N TYR B 76 15.43 13.25 1.42
CA TYR B 76 14.59 12.44 2.29
C TYR B 76 14.73 12.83 3.74
N LYS B 77 13.65 12.68 4.48
CA LYS B 77 13.68 12.95 5.90
C LYS B 77 13.84 11.62 6.66
N TYR B 78 14.82 11.59 7.57
CA TYR B 78 15.13 10.40 8.35
C TYR B 78 15.08 10.75 9.84
N CYS B 79 15.17 9.71 10.67
CA CYS B 79 15.36 9.86 12.12
C CYS B 79 16.75 9.36 12.55
N LEU B 80 17.48 10.19 13.27
CA LEU B 80 18.80 9.77 13.77
C LEU B 80 18.98 9.99 15.26
N ARG B 81 19.61 9.03 15.93
CA ARG B 81 19.75 9.08 17.38
C ARG B 81 21.21 9.18 17.76
N ARG B 82 21.54 10.21 18.54
CA ARG B 82 22.90 10.36 19.02
C ARG B 82 23.03 9.91 20.46
N ILE B 83 24.02 9.08 20.73
CA ILE B 83 24.41 8.80 22.12
C ILE B 83 25.74 9.51 22.37
N HIS B 84 25.75 10.39 23.36
CA HIS B 84 26.85 11.31 23.60
C HIS B 84 28.09 10.65 24.13
N GLY B 85 29.24 11.04 23.59
CA GLY B 85 30.55 10.58 24.06
C GLY B 85 30.69 9.07 24.14
N PHE B 86 30.33 8.40 23.05
CA PHE B 86 30.41 6.95 22.99
C PHE B 86 31.18 6.52 21.76
N ARG B 87 32.15 5.65 21.98
CA ARG B 87 32.88 5.00 20.89
C ARG B 87 32.69 3.49 21.07
N LEU B 88 32.30 2.80 19.98
CA LEU B 88 32.17 1.34 19.95
C LEU B 88 33.53 0.72 20.33
N GLN B 89 33.49 -0.30 21.20
CA GLN B 89 34.70 -0.84 21.83
C GLN B 89 35.52 -1.71 20.89
N SER B 90 34.82 -2.47 20.05
CA SER B 90 35.49 -3.37 19.12
C SER B 90 34.74 -3.44 17.81
N THR B 91 35.42 -3.98 16.79
CA THR B 91 34.87 -4.13 15.45
C THR B 91 33.73 -5.15 15.43
N LYS B 92 33.82 -6.16 16.28
CA LYS B 92 32.82 -7.21 16.35
C LYS B 92 31.43 -6.64 16.53
N CYS B 93 31.33 -5.62 17.37
CA CYS B 93 30.07 -4.91 17.54
C CYS B 93 29.49 -4.56 16.16
N MET B 94 30.39 -4.27 15.23
CA MET B 94 29.94 -3.92 13.90
C MET B 94 29.20 -5.05 13.20
N THR B 95 29.65 -6.27 13.44
CA THR B 95 28.98 -7.45 12.91
C THR B 95 27.58 -7.50 13.44
N LEU B 96 27.41 -7.19 14.73
CA LEU B 96 26.12 -7.22 15.38
C LEU B 96 25.17 -6.20 14.79
N VAL B 97 25.68 -5.00 14.52
CA VAL B 97 24.92 -3.95 13.85
C VAL B 97 24.44 -4.36 12.46
N GLU B 98 25.33 -4.99 11.71
CA GLU B 98 25.04 -5.45 10.36
C GLU B 98 23.82 -6.33 10.33
N MET B 99 23.70 -7.20 11.33
CA MET B 99 22.51 -8.01 11.54
C MET B 99 21.29 -7.12 11.74
N TRP B 100 21.46 -6.07 12.50
CA TRP B 100 20.36 -5.15 12.75
C TRP B 100 19.91 -4.38 11.55
N LYS B 101 20.86 -3.93 10.73
CA LYS B 101 20.53 -3.22 9.52
C LYS B 101 19.90 -4.20 8.58
N LYS B 102 20.44 -5.43 8.55
CA LYS B 102 19.99 -6.45 7.62
C LYS B 102 18.52 -6.82 7.80
N LEU B 103 18.09 -6.86 9.05
CA LEU B 103 16.71 -7.19 9.41
C LEU B 103 15.69 -6.18 8.89
N GLN B 104 14.58 -6.68 8.36
CA GLN B 104 13.55 -5.84 7.77
C GLN B 104 12.21 -6.39 8.10
N HIS B 105 11.50 -5.73 9.00
CA HIS B 105 10.13 -6.15 9.31
C HIS B 105 9.24 -4.95 9.39
N THR B 106 7.99 -5.08 8.95
CA THR B 106 7.08 -3.94 9.05
C THR B 106 6.87 -3.49 10.50
N ASN B 107 6.95 -4.42 11.44
CA ASN B 107 6.71 -4.09 12.84
C ASN B 107 7.96 -3.62 13.60
N VAL B 108 9.07 -3.51 12.88
CA VAL B 108 10.27 -2.92 13.42
C VAL B 108 10.65 -1.68 12.61
N VAL B 109 10.92 -0.58 13.33
CA VAL B 109 11.46 0.64 12.74
C VAL B 109 12.79 0.28 12.13
N GLN B 110 12.92 0.52 10.83
CA GLN B 110 14.12 0.08 10.13
C GLN B 110 15.39 0.84 10.57
N LEU B 111 16.46 0.09 10.80
CA LEU B 111 17.77 0.72 11.03
C LEU B 111 18.42 0.87 9.68
N ARG B 112 18.84 2.09 9.35
CA ARG B 112 19.40 2.39 8.04
C ARG B 112 20.95 2.40 7.97
N GLU B 113 21.60 3.19 8.82
CA GLU B 113 23.06 3.12 8.95
C GLU B 113 23.56 3.59 10.29
N VAL B 114 24.81 3.24 10.61
CA VAL B 114 25.40 3.66 11.86
C VAL B 114 26.81 4.16 11.59
N PHE B 115 27.14 5.29 12.20
CA PHE B 115 28.47 5.85 12.05
C PHE B 115 28.92 6.53 13.34
N THR B 116 30.22 6.59 13.54
CA THR B 116 30.79 7.34 14.64
C THR B 116 31.23 8.68 14.10
N THR B 117 30.97 9.76 14.82
CA THR B 117 31.23 11.11 14.30
C THR B 117 31.65 12.10 15.36
N LYS B 118 32.48 13.06 14.98
CA LYS B 118 32.92 14.12 15.91
C LYS B 118 32.34 15.52 15.64
N ALA B 119 31.41 15.60 14.67
CA ALA B 119 30.82 16.85 14.21
C ALA B 119 30.11 17.64 15.31
N PHE B 120 29.47 16.93 16.23
CA PHE B 120 28.61 17.56 17.24
C PHE B 120 29.35 18.38 18.26
N GLY B 121 30.62 18.04 18.45
CA GLY B 121 31.46 18.78 19.37
C GLY B 121 31.77 17.91 20.57
N ASP B 122 30.93 16.92 20.76
CA ASP B 122 31.27 15.76 21.54
C ASP B 122 31.20 14.63 20.55
N ASN B 123 32.35 14.10 20.19
CA ASN B 123 32.40 12.92 19.33
C ASN B 123 31.45 11.85 19.89
N SER B 124 30.64 11.29 19.00
CA SER B 124 29.53 10.42 19.41
C SER B 124 29.09 9.47 18.31
N LEU B 125 28.36 8.44 18.72
CA LEU B 125 27.80 7.45 17.79
C LEU B 125 26.33 7.73 17.49
N VAL B 126 26.02 7.90 16.20
CA VAL B 126 24.65 8.21 15.79
C VAL B 126 24.11 7.12 14.88
N LEU B 127 22.87 6.71 15.16
CA LEU B 127 22.20 5.68 14.39
C LEU B 127 21.05 6.29 13.64
N VAL B 128 21.01 6.06 12.34
CA VAL B 128 19.90 6.56 11.53
C VAL B 128 18.77 5.53 11.27
N TYR B 129 17.53 5.85 11.67
CA TYR B 129 16.37 5.00 11.40
C TYR B 129 15.43 5.71 10.46
N ASP B 130 14.52 4.95 9.86
CA ASP B 130 13.43 5.59 9.16
C ASP B 130 12.62 6.44 10.11
N TYR B 131 12.13 7.52 9.55
CA TYR B 131 11.33 8.49 10.27
C TYR B 131 9.89 8.25 9.94
N HIS B 132 9.12 7.93 10.98
CA HIS B 132 7.70 7.69 10.87
C HIS B 132 7.00 8.82 11.55
N PRO B 133 6.23 9.58 10.78
CA PRO B 133 5.72 10.91 11.06
C PRO B 133 4.41 10.93 11.80
N GLY B 134 4.38 11.77 12.83
CA GLY B 134 3.22 11.90 13.68
C GLY B 134 3.15 10.77 14.68
N SER B 135 4.19 9.92 14.70
CA SER B 135 4.24 8.85 15.68
C SER B 135 4.43 9.38 17.10
N GLN B 136 3.75 8.71 18.02
CA GLN B 136 3.99 8.89 19.44
C GLN B 136 4.31 7.57 20.15
N THR B 137 5.12 7.65 21.20
CA THR B 137 5.45 6.47 21.99
C THR B 137 4.19 5.89 22.58
N LEU B 138 4.17 4.58 22.65
CA LEU B 138 3.06 3.84 23.20
C LEU B 138 2.74 4.26 24.64
N LEU B 139 3.76 4.60 25.40
CA LEU B 139 3.58 5.22 26.70
C LEU B 139 2.73 6.49 26.60
N ALA B 140 3.05 7.31 25.61
CA ALA B 140 2.36 8.58 25.37
C ALA B 140 0.93 8.31 24.97
N LYS B 141 0.74 7.29 24.15
CA LYS B 141 -0.57 6.97 23.61
C LYS B 141 -1.56 6.54 24.69
N TYR B 142 -1.16 5.60 25.54
CA TYR B 142 -2.13 4.93 26.37
C TYR B 142 -2.04 5.16 27.87
N PHE B 143 -0.89 5.64 28.36
CA PHE B 143 -0.67 5.77 29.81
C PHE B 143 -0.70 7.19 30.38
N THR B 144 -0.76 8.17 29.50
CA THR B 144 -0.94 9.58 29.90
C THR B 144 -2.36 9.86 30.40
N PRO B 145 -2.50 10.46 31.62
CA PRO B 145 -3.84 10.90 32.09
C PRO B 145 -4.24 12.24 31.48
N THR B 172 -12.26 2.56 35.75
CA THR B 172 -11.51 2.62 34.49
C THR B 172 -10.24 3.53 34.55
N SER B 173 -9.70 3.72 35.75
CA SER B 173 -8.31 4.18 35.91
C SER B 173 -8.03 5.59 35.35
N ASN B 174 -6.92 5.74 34.62
CA ASN B 174 -6.52 7.04 34.05
C ASN B 174 -7.35 7.39 32.82
N GLY B 175 -7.59 6.39 31.97
CA GLY B 175 -8.38 6.53 30.73
C GLY B 175 -9.23 5.29 30.45
N PRO B 176 -10.29 5.42 29.62
CA PRO B 176 -11.17 4.26 29.42
C PRO B 176 -10.36 3.01 29.00
N LEU B 177 -10.47 1.92 29.77
CA LEU B 177 -9.67 0.69 29.54
C LEU B 177 -9.72 0.28 28.10
N LEU B 178 -8.58 -0.13 27.56
CA LEU B 178 -8.51 -0.45 26.14
C LEU B 178 -9.56 -1.49 25.69
N PRO B 179 -10.19 -1.27 24.52
CA PRO B 179 -11.11 -2.30 23.98
C PRO B 179 -10.31 -3.55 23.58
N GLU B 180 -10.83 -4.73 23.91
CA GLU B 180 -10.10 -5.98 23.67
C GLU B 180 -9.52 -6.04 22.26
N ALA B 181 -10.37 -5.69 21.29
CA ALA B 181 -10.05 -5.69 19.88
C ALA B 181 -8.70 -5.05 19.62
N THR B 182 -8.50 -3.90 20.24
CA THR B 182 -7.26 -3.15 20.09
C THR B 182 -6.05 -3.90 20.67
N ILE B 183 -6.25 -4.52 21.84
CA ILE B 183 -5.18 -5.22 22.51
C ILE B 183 -4.64 -6.37 21.68
N TRP B 184 -5.50 -7.05 20.94
CA TRP B 184 -5.06 -8.10 20.03
C TRP B 184 -4.32 -7.62 18.81
N SER B 185 -4.78 -6.50 18.24
CA SER B 185 -4.09 -5.92 17.08
C SER B 185 -2.67 -5.53 17.45
N ILE B 186 -2.51 -5.03 18.68
CA ILE B 186 -1.22 -4.70 19.21
C ILE B 186 -0.45 -5.99 19.40
N ILE B 187 -1.09 -6.96 20.03
CA ILE B 187 -0.45 -8.23 20.34
C ILE B 187 0.08 -8.89 19.07
N MET B 188 -0.69 -8.84 17.99
CA MET B 188 -0.25 -9.45 16.73
C MET B 188 0.92 -8.70 16.08
N GLN B 189 0.95 -7.38 16.22
CA GLN B 189 2.02 -6.64 15.61
C GLN B 189 3.28 -6.85 16.39
N LEU B 190 3.20 -6.66 17.70
CA LEU B 190 4.37 -6.84 18.54
C LEU B 190 4.91 -8.24 18.46
N THR B 191 4.01 -9.22 18.42
CA THR B 191 4.44 -10.61 18.35
C THR B 191 5.13 -10.86 17.04
N ALA B 192 4.64 -10.26 15.97
CA ALA B 192 5.21 -10.47 14.65
C ALA B 192 6.61 -9.96 14.61
N GLY B 193 6.80 -8.77 15.18
CA GLY B 193 8.11 -8.16 15.27
C GLY B 193 9.11 -9.01 16.02
N LEU B 194 8.65 -9.55 17.15
CA LEU B 194 9.47 -10.40 18.00
C LEU B 194 9.86 -11.67 17.29
N LYS B 195 8.92 -12.25 16.58
CA LYS B 195 9.18 -13.44 15.85
C LYS B 195 10.29 -13.15 14.85
N ALA B 196 10.19 -11.99 14.19
CA ALA B 196 11.15 -11.58 13.17
C ALA B 196 12.54 -11.29 13.77
N ILE B 197 12.54 -10.71 14.95
CA ILE B 197 13.75 -10.33 15.60
C ILE B 197 14.47 -11.56 16.10
N HIS B 198 13.73 -12.46 16.75
CA HIS B 198 14.31 -13.66 17.34
C HIS B 198 14.79 -14.60 16.29
N HIS B 199 14.02 -14.75 15.23
CA HIS B 199 14.41 -15.56 14.09
C HIS B 199 15.73 -15.09 13.53
N ALA B 200 15.87 -13.76 13.52
CA ALA B 200 17.05 -13.05 13.04
C ALA B 200 18.17 -13.17 14.06
N GLY B 201 17.96 -13.99 15.09
CA GLY B 201 19.00 -14.30 16.09
C GLY B 201 19.38 -13.18 17.04
N LEU B 202 18.37 -12.39 17.34
CA LEU B 202 18.47 -11.21 18.15
C LEU B 202 17.43 -11.18 19.25
N ALA B 203 17.71 -10.34 20.22
CA ALA B 203 16.80 -10.09 21.29
C ALA B 203 16.55 -8.60 21.28
N CYS B 204 15.34 -8.20 21.66
CA CYS B 204 15.00 -6.80 21.72
C CYS B 204 15.98 -6.13 22.66
N LYS B 205 16.34 -6.87 23.70
CA LYS B 205 17.18 -6.38 24.77
C LYS B 205 16.37 -5.57 25.78
N VAL B 206 15.70 -4.52 25.32
CA VAL B 206 14.81 -3.73 26.17
C VAL B 206 13.45 -3.65 25.52
N LEU B 207 12.42 -3.92 26.29
CA LEU B 207 11.08 -3.91 25.77
C LEU B 207 10.21 -3.30 26.84
N ASP B 208 9.57 -2.19 26.52
CA ASP B 208 8.71 -1.48 27.46
C ASP B 208 8.04 -0.27 26.77
N PRO B 209 7.10 0.41 27.46
CA PRO B 209 6.30 1.43 26.78
C PRO B 209 7.05 2.48 25.96
N THR B 210 8.11 3.06 26.51
CA THR B 210 8.88 4.06 25.76
C THR B 210 9.48 3.50 24.48
N LYS B 211 9.87 2.23 24.53
CA LYS B 211 10.66 1.64 23.44
C LYS B 211 9.84 1.22 22.22
N ILE B 212 8.52 1.34 22.31
CA ILE B 212 7.65 1.05 21.17
C ILE B 212 6.91 2.28 20.68
N ILE B 213 6.93 2.54 19.38
CA ILE B 213 6.19 3.70 18.85
C ILE B 213 5.02 3.32 17.96
N VAL B 214 3.98 4.14 18.02
CA VAL B 214 2.76 3.90 17.25
C VAL B 214 2.46 5.03 16.26
N THR B 215 2.76 4.76 15.00
CA THR B 215 2.41 5.67 13.95
C THR B 215 1.06 5.29 13.39
N GLY B 216 0.07 6.09 13.75
CA GLY B 216 -1.32 5.88 13.34
C GLY B 216 -1.82 4.63 14.01
N LYS B 217 -2.20 3.65 13.20
CA LYS B 217 -2.61 2.37 13.76
C LYS B 217 -1.45 1.34 13.92
N ARG B 218 -0.29 1.64 13.31
CA ARG B 218 0.86 0.72 13.22
C ARG B 218 1.67 0.71 14.48
N VAL B 219 2.17 -0.45 14.85
CA VAL B 219 3.02 -0.54 16.02
C VAL B 219 4.41 -1.06 15.66
N ARG B 220 5.44 -0.39 16.16
CA ARG B 220 6.81 -0.69 15.76
C ARG B 220 7.81 -0.61 16.91
N PHE B 221 8.71 -1.59 16.95
CA PHE B 221 9.81 -1.61 17.90
C PHE B 221 10.82 -0.53 17.50
N SER B 222 10.76 0.60 18.18
CA SER B 222 11.41 1.83 17.71
C SER B 222 12.95 1.85 17.67
N SER B 223 13.60 1.44 18.76
CA SER B 223 15.05 1.60 18.85
C SER B 223 15.77 0.36 19.37
N CYS B 224 15.39 -0.80 18.85
CA CYS B 224 15.79 -2.06 19.49
C CYS B 224 17.29 -2.29 19.45
N CYS B 225 17.93 -1.89 18.35
CA CYS B 225 19.36 -2.14 18.18
C CYS B 225 20.23 -1.43 19.21
N ILE B 226 19.90 -0.20 19.55
CA ILE B 226 20.75 0.59 20.44
C ILE B 226 21.16 -0.18 21.70
N SER B 227 20.16 -0.71 22.42
CA SER B 227 20.37 -1.33 23.74
C SER B 227 21.26 -2.54 23.62
N ASP B 228 20.99 -3.37 22.61
CA ASP B 228 21.89 -4.45 22.27
C ASP B 228 23.35 -3.98 22.00
N ILE B 229 23.55 -2.92 21.21
CA ILE B 229 24.88 -2.35 20.94
C ILE B 229 25.61 -1.96 22.21
N THR B 230 24.93 -1.19 23.07
CA THR B 230 25.56 -0.67 24.29
C THR B 230 26.01 -1.77 25.25
N GLN B 231 25.17 -2.80 25.42
CA GLN B 231 25.42 -3.86 26.41
C GLN B 231 26.26 -5.03 25.90
N PHE B 232 26.56 -5.05 24.61
CA PHE B 232 27.26 -6.19 24.02
C PHE B 232 28.71 -6.32 24.48
N ASP B 233 29.15 -7.56 24.64
CA ASP B 233 30.55 -7.88 24.92
C ASP B 233 31.31 -8.25 23.64
N PRO B 234 32.47 -7.57 23.36
CA PRO B 234 33.13 -8.04 22.14
C PRO B 234 33.58 -9.50 22.26
N ASN B 235 34.06 -9.86 23.44
CA ASN B 235 34.55 -11.21 23.70
C ASN B 235 33.66 -11.89 24.75
N ALA B 236 32.90 -12.88 24.34
CA ALA B 236 31.85 -13.43 25.19
C ALA B 236 31.97 -14.91 25.20
N SER B 237 31.71 -15.52 26.35
CA SER B 237 32.02 -16.92 26.55
C SER B 237 31.15 -17.84 25.69
N ASN B 238 29.85 -17.79 25.89
CA ASN B 238 28.96 -18.42 24.96
C ASN B 238 28.00 -17.34 24.50
N PRO B 239 28.21 -16.80 23.28
CA PRO B 239 27.40 -15.64 22.88
C PRO B 239 25.98 -16.06 22.58
N LEU B 240 25.87 -17.08 21.75
CA LEU B 240 24.60 -17.69 21.33
C LEU B 240 23.79 -18.23 22.52
N ALA B 241 24.47 -18.66 23.57
CA ALA B 241 23.73 -19.13 24.75
C ALA B 241 23.13 -17.95 25.48
N LEU B 242 23.78 -16.80 25.37
CA LEU B 242 23.31 -15.60 26.02
C LEU B 242 22.17 -14.95 25.24
N VAL B 243 22.22 -14.99 23.92
CA VAL B 243 21.13 -14.43 23.11
C VAL B 243 19.85 -15.19 23.37
N ASN B 244 20.02 -16.43 23.79
CA ASN B 244 18.92 -17.25 24.19
C ASN B 244 18.23 -16.75 25.47
N MET B 245 18.99 -16.51 26.53
CA MET B 245 18.39 -15.93 27.74
C MET B 245 17.77 -14.58 27.45
N HIS B 246 18.40 -13.82 26.54
CA HIS B 246 17.88 -12.50 26.21
C HIS B 246 16.59 -12.60 25.49
N GLN B 247 16.47 -13.60 24.62
CA GLN B 247 15.27 -13.77 23.84
C GLN B 247 14.10 -14.11 24.72
N GLN B 248 14.35 -14.96 25.72
CA GLN B 248 13.34 -15.32 26.70
C GLN B 248 12.86 -14.12 27.51
N ASP B 249 13.82 -13.31 27.97
CA ASP B 249 13.54 -12.06 28.67
C ASP B 249 12.51 -11.19 27.99
N ASP B 250 12.63 -11.10 26.69
CA ASP B 250 11.71 -10.36 25.89
C ASP B 250 10.35 -10.94 26.11
N LEU B 251 10.23 -12.25 26.07
CA LEU B 251 8.91 -12.87 26.22
C LEU B 251 8.31 -12.60 27.58
N THR B 252 9.16 -12.58 28.60
CA THR B 252 8.72 -12.17 29.92
C THR B 252 8.36 -10.68 29.89
N ALA B 253 9.18 -9.86 29.20
CA ALA B 253 8.90 -8.43 29.06
C ALA B 253 7.69 -8.15 28.18
N LEU B 254 7.41 -9.04 27.23
CA LEU B 254 6.24 -8.86 26.39
C LEU B 254 4.99 -9.04 27.22
N GLY B 255 5.00 -10.03 28.11
CA GLY B 255 3.88 -10.32 28.97
C GLY B 255 3.61 -9.18 29.92
N ARG B 256 4.69 -8.58 30.42
CA ARG B 256 4.58 -7.50 31.37
C ARG B 256 3.99 -6.30 30.70
N LEU B 257 4.28 -6.12 29.41
CA LEU B 257 3.75 -4.98 28.66
C LEU B 257 2.24 -5.03 28.45
N VAL B 258 1.78 -6.17 27.89
CA VAL B 258 0.39 -6.39 27.58
C VAL B 258 -0.48 -6.31 28.85
N LEU B 259 0.04 -6.75 30.00
CA LEU B 259 -0.71 -6.62 31.25
C LEU B 259 -0.87 -5.17 31.66
N ALA B 260 0.16 -4.36 31.42
CA ALA B 260 0.09 -2.93 31.66
C ALA B 260 -0.95 -2.30 30.75
N LEU B 261 -1.08 -2.85 29.55
CA LEU B 261 -2.07 -2.36 28.59
C LEU B 261 -3.53 -2.68 28.98
N ALA B 262 -3.75 -3.95 29.36
CA ALA B 262 -5.06 -4.45 29.77
C ALA B 262 -5.53 -3.75 31.02
N CYS B 263 -4.58 -3.41 31.89
CA CYS B 263 -4.89 -2.63 33.07
C CYS B 263 -4.88 -1.15 32.77
N ARG B 264 -4.23 -0.79 31.66
CA ARG B 264 -4.05 0.62 31.25
C ARG B 264 -3.51 1.53 32.39
N CYS B 265 -2.94 0.89 33.40
CA CYS B 265 -2.21 1.53 34.49
C CYS B 265 -0.83 0.90 34.43
N LEU B 266 0.19 1.74 34.29
CA LEU B 266 1.55 1.28 34.12
C LEU B 266 2.08 0.54 35.34
N GLN B 267 1.68 0.99 36.52
CA GLN B 267 2.20 0.38 37.73
C GLN B 267 1.37 -0.80 38.22
N SER B 268 0.55 -1.33 37.32
CA SER B 268 -0.12 -2.61 37.57
C SER B 268 0.91 -3.75 37.59
N VAL B 269 1.99 -3.58 36.84
CA VAL B 269 2.98 -4.63 36.67
C VAL B 269 3.83 -4.84 37.91
N GLN B 270 3.84 -3.82 38.78
CA GLN B 270 4.50 -3.88 40.08
C GLN B 270 4.50 -5.30 40.68
N ARG B 271 5.69 -5.78 41.06
CA ARG B 271 5.89 -7.13 41.64
C ARG B 271 4.84 -7.48 42.68
N ASP B 272 4.61 -6.54 43.58
CA ASP B 272 3.54 -6.59 44.56
C ASP B 272 2.17 -6.80 43.89
N ASN B 273 1.77 -5.83 43.07
CA ASN B 273 0.43 -5.71 42.51
C ASN B 273 -0.03 -6.80 41.54
N VAL B 274 0.93 -7.28 40.75
CA VAL B 274 0.66 -8.07 39.54
C VAL B 274 -0.44 -9.12 39.62
N GLN B 275 -0.41 -9.97 40.64
CA GLN B 275 -1.36 -11.08 40.70
C GLN B 275 -2.83 -10.63 40.74
N SER B 276 -3.12 -9.56 41.48
CA SER B 276 -4.46 -8.94 41.52
C SER B 276 -4.79 -8.24 40.20
N SER B 277 -3.76 -7.68 39.58
CA SER B 277 -3.86 -7.08 38.25
C SER B 277 -4.25 -8.14 37.22
N ILE B 278 -3.66 -9.32 37.33
CA ILE B 278 -4.03 -10.46 36.49
C ILE B 278 -5.49 -10.81 36.75
N ASP B 279 -5.88 -10.81 38.02
CA ASP B 279 -7.25 -11.12 38.41
C ASP B 279 -8.26 -10.16 37.80
N MET B 280 -7.86 -8.90 37.67
CA MET B 280 -8.66 -7.88 37.04
C MET B 280 -8.84 -8.16 35.57
N VAL B 281 -7.73 -8.34 34.87
CA VAL B 281 -7.72 -8.75 33.45
C VAL B 281 -8.83 -9.74 33.09
N THR B 282 -8.96 -10.80 33.89
CA THR B 282 -9.87 -11.89 33.56
C THR B 282 -11.33 -11.48 33.72
N ARG B 283 -11.59 -10.55 34.64
CA ARG B 283 -12.94 -10.02 34.88
C ARG B 283 -13.44 -9.15 33.72
N ASN B 284 -12.58 -8.27 33.23
CA ASN B 284 -12.95 -7.30 32.19
C ASN B 284 -12.71 -7.79 30.77
N TYR B 285 -11.77 -8.72 30.60
CA TYR B 285 -11.44 -9.25 29.28
C TYR B 285 -11.59 -10.78 29.22
N SER B 286 -11.39 -11.32 28.01
CA SER B 286 -11.58 -12.74 27.72
C SER B 286 -10.63 -13.64 28.50
N THR B 287 -11.00 -14.90 28.60
CA THR B 287 -10.13 -15.92 29.18
C THR B 287 -8.85 -16.14 28.33
N ASP B 288 -8.95 -15.90 27.03
CA ASP B 288 -7.80 -16.09 26.13
C ASP B 288 -6.69 -15.10 26.43
N LEU B 289 -7.08 -13.84 26.61
CA LEU B 289 -6.14 -12.80 26.93
C LEU B 289 -5.50 -13.11 28.26
N ARG B 290 -6.26 -13.67 29.20
CA ARG B 290 -5.70 -14.16 30.45
C ARG B 290 -4.63 -15.19 30.22
N ASN B 291 -4.97 -16.33 29.62
CA ASN B 291 -3.99 -17.41 29.37
C ASN B 291 -2.74 -16.94 28.68
N PHE B 292 -2.93 -16.07 27.68
CA PHE B 292 -1.85 -15.40 26.99
C PHE B 292 -0.90 -14.72 27.97
N ILE B 293 -1.41 -13.81 28.78
CA ILE B 293 -0.60 -13.13 29.78
C ILE B 293 -0.03 -14.09 30.82
N VAL B 294 -0.84 -15.05 31.26
CA VAL B 294 -0.37 -16.03 32.22
C VAL B 294 0.71 -16.90 31.61
N TYR B 295 0.62 -17.17 30.31
CA TYR B 295 1.65 -17.99 29.65
C TYR B 295 3.02 -17.35 29.66
N LEU B 296 3.06 -16.05 29.39
CA LEU B 296 4.32 -15.30 29.31
C LEU B 296 4.97 -15.17 30.67
N PHE B 297 4.14 -15.15 31.71
CA PHE B 297 4.65 -14.99 33.06
C PHE B 297 5.19 -16.26 33.67
N THR B 298 4.66 -17.42 33.30
CA THR B 298 5.23 -18.67 33.82
C THR B 298 6.68 -18.88 33.31
N THR B 299 7.64 -18.28 34.03
CA THR B 299 9.02 -18.14 33.61
C THR B 299 9.75 -19.46 33.52
N ASN B 300 9.44 -20.41 34.40
CA ASN B 300 10.08 -21.74 34.40
C ASN B 300 10.30 -22.33 33.01
N ASN B 301 9.28 -22.22 32.17
CA ASN B 301 9.27 -22.91 30.91
C ASN B 301 9.86 -22.06 29.81
N ARG B 302 10.54 -22.71 28.87
CA ARG B 302 11.00 -22.07 27.63
C ARG B 302 9.77 -21.53 26.89
N ARG B 303 9.87 -20.34 26.31
CA ARG B 303 8.71 -19.77 25.65
C ARG B 303 8.99 -19.32 24.23
N SER B 304 7.97 -19.35 23.40
CA SER B 304 8.10 -19.11 21.99
C SER B 304 7.02 -18.13 21.54
N VAL B 305 7.30 -17.38 20.48
CA VAL B 305 6.27 -16.53 19.89
C VAL B 305 5.25 -17.45 19.26
N THR B 306 5.74 -18.56 18.73
CA THR B 306 4.93 -19.61 18.12
C THR B 306 3.86 -20.16 19.07
N ASP B 307 4.23 -20.39 20.33
CA ASP B 307 3.29 -20.93 21.29
C ASP B 307 2.13 -20.01 21.58
N LEU B 308 2.34 -18.71 21.40
CA LEU B 308 1.28 -17.74 21.60
C LEU B 308 0.27 -17.89 20.50
N MET B 309 0.68 -18.51 19.41
CA MET B 309 -0.11 -18.51 18.19
C MET B 309 -1.53 -19.03 18.35
N PRO B 310 -1.73 -20.19 19.03
CA PRO B 310 -3.11 -20.68 19.15
C PRO B 310 -3.93 -19.79 20.08
N MET B 311 -3.30 -19.03 20.95
CA MET B 311 -4.06 -18.15 21.83
C MET B 311 -4.69 -16.94 21.15
N ILE B 312 -3.92 -16.29 20.27
CA ILE B 312 -4.43 -15.27 19.34
C ILE B 312 -5.51 -15.94 18.50
N GLY B 313 -5.16 -17.14 18.05
CA GLY B 313 -6.07 -18.00 17.35
C GLY B 313 -6.71 -17.38 16.13
N ALA B 314 -8.04 -17.48 16.05
CA ALA B 314 -8.77 -17.13 14.85
C ALA B 314 -8.78 -15.66 14.62
N ARG B 315 -8.30 -14.89 15.57
CA ARG B 315 -8.27 -13.47 15.39
C ARG B 315 -7.42 -13.08 14.18
N PHE B 316 -6.31 -13.78 13.96
CA PHE B 316 -5.50 -13.56 12.77
C PHE B 316 -6.34 -13.28 11.55
N TYR B 317 -7.44 -14.00 11.40
CA TYR B 317 -8.32 -13.75 10.27
C TYR B 317 -9.00 -12.38 10.34
N THR B 318 -9.33 -11.92 11.53
CA THR B 318 -9.91 -10.61 11.65
C THR B 318 -8.90 -9.53 11.27
N GLN B 319 -7.69 -9.70 11.75
CA GLN B 319 -6.61 -8.76 11.47
C GLN B 319 -6.21 -8.82 10.00
N LEU B 320 -6.13 -10.03 9.47
CA LEU B 320 -5.68 -10.29 8.11
C LEU B 320 -6.67 -9.69 7.16
N ASP B 321 -7.92 -9.84 7.54
CA ASP B 321 -9.04 -9.38 6.80
C ASP B 321 -9.17 -7.86 6.86
N ALA B 322 -8.94 -7.27 8.04
CA ALA B 322 -8.93 -5.82 8.21
C ALA B 322 -7.89 -5.15 7.32
N LEU B 323 -6.69 -5.68 7.35
CA LEU B 323 -5.59 -5.14 6.54
C LEU B 323 -5.90 -5.14 5.06
N GLN B 324 -6.60 -6.16 4.58
CA GLN B 324 -6.91 -6.20 3.17
C GLN B 324 -7.89 -5.13 2.80
N SER B 325 -8.81 -4.80 3.69
CA SER B 325 -9.76 -3.74 3.36
C SER B 325 -9.14 -2.36 3.56
N LYS B 326 -8.11 -2.24 4.39
CA LYS B 326 -7.28 -1.02 4.38
C LYS B 326 -6.57 -0.87 3.05
N ILE B 327 -6.06 -1.97 2.52
CA ILE B 327 -5.41 -1.95 1.22
C ILE B 327 -6.41 -1.58 0.15
N ASP B 328 -7.64 -2.00 0.31
CA ASP B 328 -8.65 -1.67 -0.67
C ASP B 328 -9.07 -0.21 -0.53
N MET B 329 -9.03 0.30 0.70
CA MET B 329 -9.29 1.70 1.04
C MET B 329 -8.39 2.67 0.30
N GLN B 330 -7.09 2.44 0.45
CA GLN B 330 -6.06 3.25 -0.16
C GLN B 330 -5.96 2.95 -1.63
N GLU B 331 -6.37 1.77 -2.05
CA GLU B 331 -6.40 1.48 -3.47
C GLU B 331 -7.28 2.48 -4.20
N ASP B 332 -8.37 2.88 -3.57
CA ASP B 332 -9.29 3.84 -4.13
C ASP B 332 -8.70 5.22 -4.09
N GLU B 333 -8.35 5.70 -2.90
CA GLU B 333 -7.63 6.96 -2.72
C GLU B 333 -6.58 7.12 -3.79
N LEU B 334 -5.60 6.21 -3.80
CA LEU B 334 -4.45 6.24 -4.71
C LEU B 334 -4.89 6.35 -6.15
N ALA B 335 -5.96 5.64 -6.51
CA ALA B 335 -6.48 5.67 -7.87
C ALA B 335 -6.98 7.07 -8.22
N LYS B 336 -7.55 7.77 -7.24
CA LYS B 336 -7.97 9.15 -7.44
C LYS B 336 -6.81 10.15 -7.48
N GLU B 337 -5.93 10.09 -6.48
CA GLU B 337 -4.84 11.05 -6.36
C GLU B 337 -3.72 10.82 -7.37
N MET B 338 -3.71 9.65 -7.99
CA MET B 338 -2.78 9.33 -9.07
C MET B 338 -2.78 10.43 -10.13
N GLU B 339 -3.88 11.19 -10.17
CA GLU B 339 -4.09 12.28 -11.12
C GLU B 339 -3.01 13.34 -11.00
N ASN B 340 -2.82 13.86 -9.79
CA ASN B 340 -1.78 14.84 -9.51
C ASN B 340 -0.47 14.49 -10.20
N GLY B 341 -0.08 13.22 -10.11
CA GLY B 341 1.16 12.77 -10.71
C GLY B 341 1.20 13.04 -12.20
N ARG B 342 0.15 12.59 -12.88
CA ARG B 342 0.09 12.67 -14.34
C ARG B 342 0.19 14.10 -14.80
N LEU B 343 -0.50 14.98 -14.10
CA LEU B 343 -0.43 16.39 -14.40
C LEU B 343 0.98 16.95 -14.24
N TYR B 344 1.57 16.78 -13.06
CA TYR B 344 2.91 17.28 -12.83
C TYR B 344 3.82 16.82 -13.96
N ARG B 345 3.76 15.54 -14.30
CA ARG B 345 4.67 14.97 -15.31
C ARG B 345 4.42 15.49 -16.73
N ILE B 346 3.16 15.52 -17.12
CA ILE B 346 2.76 15.91 -18.47
C ILE B 346 3.14 17.35 -18.74
N LEU B 347 2.94 18.22 -17.75
CA LEU B 347 3.31 19.62 -17.86
C LEU B 347 4.83 19.78 -17.90
N VAL B 348 5.53 19.04 -17.04
CA VAL B 348 6.98 19.07 -17.05
C VAL B 348 7.53 18.70 -18.41
N LYS B 349 6.92 17.74 -19.09
CA LYS B 349 7.38 17.40 -20.43
C LYS B 349 7.15 18.58 -21.32
N LEU B 350 5.96 19.16 -21.24
CA LEU B 350 5.58 20.25 -22.11
C LEU B 350 6.46 21.49 -21.92
N ASN B 351 6.73 21.86 -20.67
CA ASN B 351 7.57 23.01 -20.40
C ASN B 351 8.98 22.86 -20.92
N SER B 352 9.56 21.68 -20.71
CA SER B 352 10.89 21.40 -21.22
C SER B 352 10.91 21.51 -22.72
N ILE B 353 9.87 21.04 -23.37
CA ILE B 353 9.74 21.12 -24.82
C ILE B 353 9.61 22.54 -25.34
N ASN B 354 8.83 23.36 -24.64
CA ASN B 354 8.54 24.73 -25.08
C ASN B 354 9.80 25.61 -25.07
N GLU B 355 10.59 25.49 -24.01
CA GLU B 355 11.80 26.29 -23.84
C GLU B 355 13.00 25.96 -24.74
N ARG B 356 13.23 24.68 -25.01
CA ARG B 356 14.56 24.24 -25.44
C ARG B 356 15.03 24.65 -26.84
N PRO B 357 14.12 24.76 -27.83
CA PRO B 357 14.71 25.18 -29.10
C PRO B 357 14.84 26.70 -29.21
N GLY B 369 7.76 23.31 -36.87
CA GLY B 369 6.40 22.76 -37.04
C GLY B 369 5.77 22.22 -35.77
N ASP B 370 6.20 21.03 -35.37
CA ASP B 370 5.64 20.38 -34.18
C ASP B 370 5.87 21.16 -32.91
N ARG B 371 7.08 21.72 -32.80
CA ARG B 371 7.45 22.52 -31.65
C ARG B 371 6.54 23.75 -31.56
N TYR B 372 6.27 24.36 -32.70
CA TYR B 372 5.37 25.50 -32.81
C TYR B 372 3.95 25.12 -32.37
N MET B 373 3.52 23.91 -32.76
CA MET B 373 2.18 23.42 -32.43
C MET B 373 1.97 23.37 -30.92
N LEU B 374 2.93 22.80 -30.23
CA LEU B 374 2.88 22.68 -28.79
C LEU B 374 2.91 24.05 -28.14
N LYS B 375 3.74 24.94 -28.70
CA LYS B 375 3.88 26.29 -28.17
C LYS B 375 2.58 27.07 -28.28
N LEU B 376 1.88 26.90 -29.40
CA LEU B 376 0.56 27.50 -29.57
C LEU B 376 -0.39 26.97 -28.50
N PHE B 377 -0.31 25.68 -28.24
CA PHE B 377 -1.11 25.06 -27.22
C PHE B 377 -0.77 25.62 -25.85
N ARG B 378 0.52 25.86 -25.62
CA ARG B 378 0.99 26.44 -24.36
C ARG B 378 0.35 27.82 -24.15
N ASP B 379 0.30 28.61 -25.22
CA ASP B 379 -0.39 29.89 -25.19
C ASP B 379 -1.87 29.76 -24.86
N TYR B 380 -2.50 28.71 -25.41
CA TYR B 380 -3.93 28.45 -25.21
C TYR B 380 -4.30 28.33 -23.74
N LEU B 381 -3.50 27.59 -22.99
CA LEU B 381 -3.71 27.41 -21.54
C LEU B 381 -3.47 28.64 -20.64
N PHE B 382 -2.37 29.36 -20.86
CA PHE B 382 -1.96 30.44 -19.92
C PHE B 382 -1.92 31.86 -20.49
N HIS B 383 -2.26 32.00 -21.77
CA HIS B 383 -2.17 33.30 -22.46
C HIS B 383 -3.49 34.04 -22.56
N SER B 384 -4.49 33.59 -21.81
CA SER B 384 -5.90 33.96 -22.00
C SER B 384 -6.24 35.42 -21.66
N VAL B 385 -7.18 36.00 -22.40
CA VAL B 385 -7.56 37.39 -22.18
C VAL B 385 -9.07 37.58 -22.26
N THR B 386 -9.65 38.10 -21.17
CA THR B 386 -11.08 38.47 -21.10
C THR B 386 -11.41 39.64 -22.06
N GLU B 387 -12.67 39.76 -22.45
CA GLU B 387 -13.06 40.64 -23.57
C GLU B 387 -12.40 42.00 -23.46
N ASP B 388 -12.31 42.48 -22.22
CA ASP B 388 -11.82 43.83 -21.88
C ASP B 388 -10.33 43.99 -22.15
N GLY B 389 -9.59 42.92 -21.88
CA GLY B 389 -8.12 42.96 -21.73
C GLY B 389 -7.59 42.34 -20.44
N ARG B 390 -8.49 42.07 -19.49
CA ARG B 390 -8.17 41.39 -18.24
C ARG B 390 -7.82 39.90 -18.46
N PRO B 391 -6.89 39.34 -17.63
CA PRO B 391 -6.60 37.92 -17.91
C PRO B 391 -7.73 36.98 -17.49
N TRP B 392 -7.86 35.85 -18.19
CA TRP B 392 -8.81 34.80 -17.83
C TRP B 392 -8.14 33.50 -17.54
N LEU B 393 -7.84 33.29 -16.26
CA LEU B 393 -7.02 32.21 -15.80
C LEU B 393 -8.02 31.38 -15.16
N ASP B 394 -8.32 30.28 -15.80
CA ASP B 394 -9.06 29.32 -15.05
C ASP B 394 -8.18 28.16 -14.63
N HIS B 395 -8.24 27.86 -13.35
CA HIS B 395 -7.50 26.75 -12.84
C HIS B 395 -8.08 25.46 -13.30
N ALA B 396 -9.41 25.38 -13.26
CA ALA B 396 -10.13 24.16 -13.56
C ALA B 396 -9.96 23.77 -15.02
N HIS B 397 -9.99 24.77 -15.90
CA HIS B 397 -9.86 24.57 -17.34
C HIS B 397 -8.53 23.96 -17.67
N ILE B 398 -7.49 24.43 -17.00
CA ILE B 398 -6.13 23.97 -17.26
C ILE B 398 -5.98 22.52 -16.89
N VAL B 399 -6.60 22.12 -15.78
CA VAL B 399 -6.55 20.75 -15.32
C VAL B 399 -7.28 19.84 -16.28
N GLN B 400 -8.40 20.31 -16.80
CA GLN B 400 -9.23 19.50 -17.70
C GLN B 400 -8.52 19.23 -19.00
N CYS B 401 -7.89 20.26 -19.55
CA CYS B 401 -7.20 20.19 -20.84
C CYS B 401 -5.99 19.29 -20.76
N LEU B 402 -5.25 19.39 -19.66
CA LEU B 402 -4.06 18.59 -19.48
C LEU B 402 -4.45 17.13 -19.35
N ASN B 403 -5.58 16.88 -18.70
CA ASN B 403 -6.05 15.52 -18.47
C ASN B 403 -6.47 14.88 -19.77
N LYS B 404 -7.20 15.67 -20.56
CA LYS B 404 -7.57 15.30 -21.92
C LYS B 404 -6.32 15.06 -22.77
N LEU B 405 -5.29 15.88 -22.59
CA LEU B 405 -4.05 15.74 -23.36
C LEU B 405 -3.33 14.44 -23.01
N ASP B 406 -3.34 14.12 -21.72
CA ASP B 406 -2.71 12.91 -21.20
C ASP B 406 -3.47 11.68 -21.68
N ALA B 407 -4.80 11.77 -21.65
CA ALA B 407 -5.66 10.72 -22.19
C ALA B 407 -5.57 10.59 -23.73
N GLY B 408 -5.17 11.67 -24.40
CA GLY B 408 -5.15 11.69 -25.85
C GLY B 408 -6.54 11.46 -26.41
N SER B 409 -7.48 12.34 -26.04
CA SER B 409 -8.89 12.18 -26.34
C SER B 409 -9.14 12.54 -27.77
N ILE B 410 -10.18 11.96 -28.34
CA ILE B 410 -10.57 12.25 -29.72
C ILE B 410 -10.93 13.73 -29.88
N GLU B 411 -11.52 14.31 -28.83
CA GLU B 411 -12.00 15.69 -28.85
C GLU B 411 -10.94 16.72 -29.25
N ARG B 412 -11.37 17.70 -30.03
CA ARG B 412 -10.48 18.68 -30.66
C ARG B 412 -10.59 20.09 -30.10
N VAL B 413 -9.46 20.76 -30.03
CA VAL B 413 -9.38 22.14 -29.57
C VAL B 413 -8.92 23.01 -30.72
N GLN B 414 -9.45 24.23 -30.77
CA GLN B 414 -9.09 25.17 -31.81
C GLN B 414 -8.09 26.22 -31.33
N LEU B 415 -6.90 26.14 -31.91
CA LEU B 415 -5.80 27.05 -31.60
C LEU B 415 -5.70 28.13 -32.64
N MET B 416 -5.55 29.35 -32.15
CA MET B 416 -5.44 30.53 -32.98
C MET B 416 -4.03 31.09 -32.90
N SER B 417 -3.39 31.26 -34.06
CA SER B 417 -2.05 31.86 -34.12
C SER B 417 -2.14 33.35 -33.76
N ARG B 418 -1.03 34.00 -33.41
CA ARG B 418 -1.09 35.43 -33.14
C ARG B 418 -1.56 36.20 -34.36
N ASP B 419 -1.18 35.72 -35.55
CA ASP B 419 -1.83 36.18 -36.77
C ASP B 419 -3.31 35.83 -36.71
N GLU B 420 -4.16 36.75 -37.14
CA GLU B 420 -5.62 36.54 -37.06
C GLU B 420 -6.07 35.35 -37.92
N GLN B 421 -5.49 35.26 -39.13
CA GLN B 421 -5.92 34.33 -40.18
C GLN B 421 -5.75 32.86 -39.81
N SER B 422 -4.55 32.48 -39.37
CA SER B 422 -4.27 31.10 -39.04
C SER B 422 -5.13 30.65 -37.87
N VAL B 423 -5.61 29.43 -37.98
CA VAL B 423 -6.34 28.80 -36.92
C VAL B 423 -6.01 27.33 -37.06
N LEU B 424 -5.80 26.68 -35.93
CA LEU B 424 -5.39 25.30 -35.96
C LEU B 424 -6.41 24.41 -35.26
N ILE B 425 -6.83 23.36 -35.97
CA ILE B 425 -7.70 22.37 -35.36
C ILE B 425 -6.94 21.06 -35.15
N VAL B 426 -6.89 20.60 -33.90
CA VAL B 426 -6.15 19.38 -33.58
C VAL B 426 -6.84 18.53 -32.55
N SER B 427 -6.78 17.21 -32.76
CA SER B 427 -7.26 16.29 -31.75
C SER B 427 -6.26 16.23 -30.61
N TYR B 428 -6.73 16.02 -29.39
CA TYR B 428 -5.81 15.90 -28.25
C TYR B 428 -4.85 14.72 -28.38
N ALA B 429 -5.41 13.56 -28.73
CA ALA B 429 -4.66 12.34 -29.05
C ALA B 429 -3.52 12.60 -30.02
N GLU B 430 -3.79 13.37 -31.06
CA GLU B 430 -2.76 13.85 -32.00
C GLU B 430 -1.70 14.74 -31.35
N LEU B 431 -2.16 15.69 -30.55
CA LEU B 431 -1.29 16.66 -29.90
C LEU B 431 -0.36 15.98 -28.89
N LYS B 432 -0.95 15.07 -28.10
CA LYS B 432 -0.23 14.20 -27.19
C LYS B 432 0.92 13.48 -27.91
N ASN B 433 0.67 13.08 -29.15
CA ASN B 433 1.68 12.47 -29.99
C ASN B 433 2.81 13.42 -30.30
N CYS B 434 2.44 14.67 -30.60
CA CYS B 434 3.42 15.72 -30.92
C CYS B 434 4.39 15.88 -29.76
N LEU B 435 3.83 15.90 -28.54
CA LEU B 435 4.62 15.99 -27.32
C LEU B 435 5.45 14.76 -27.13
N GLU B 436 4.83 13.61 -27.36
CA GLU B 436 5.49 12.35 -27.13
C GLU B 436 6.67 12.18 -28.06
N ASN B 437 6.45 12.52 -29.32
CA ASN B 437 7.49 12.51 -30.35
C ASN B 437 8.61 13.49 -30.04
N ALA B 438 8.22 14.69 -29.61
CA ALA B 438 9.17 15.76 -29.39
C ALA B 438 10.11 15.45 -28.23
N PHE B 439 9.57 14.84 -27.19
CA PHE B 439 10.30 14.53 -25.97
C PHE B 439 11.38 13.49 -26.21
N SER B 440 10.99 12.46 -26.96
CA SER B 440 11.86 11.33 -27.25
C SER B 440 13.08 11.75 -28.06
N GLU B 441 12.85 12.62 -29.03
CA GLU B 441 13.95 13.16 -29.82
C GLU B 441 14.89 13.99 -28.96
N LEU B 442 14.32 14.81 -28.08
CA LEU B 442 15.09 15.65 -27.17
C LEU B 442 15.95 14.84 -26.21
N MET B 443 15.35 13.79 -25.64
CA MET B 443 16.07 12.86 -24.76
C MET B 443 17.19 12.16 -25.54
N SER B 444 16.87 11.77 -26.78
CA SER B 444 17.82 11.09 -27.67
C SER B 444 19.05 11.93 -27.96
N SER B 445 18.82 13.21 -28.24
CA SER B 445 19.91 14.14 -28.54
C SER B 445 20.76 14.36 -27.29
#